data_6J36
#
_entry.id   6J36
#
_cell.length_a   193.154
_cell.length_b   193.154
_cell.length_c   63.943
_cell.angle_alpha   90.00
_cell.angle_beta   90.00
_cell.angle_gamma   90.00
#
_symmetry.space_group_name_H-M   'I 4'
#
loop_
_entity.id
_entity.type
_entity.pdbx_description
1 polymer Enolase
2 non-polymer GLYCEROL
3 non-polymer 'SULFATE ION'
4 water water
#
_entity_poly.entity_id   1
_entity_poly.type   'polypeptide(L)'
_entity_poly.pdbx_seq_one_letter_code
;MSKITKVFAREILDSRGNPTIQVDVYTLAGGFGSAIVPSGASTGSREALELRDTNTKYADNWYGQKGVMTAVDNVNNIIA
PEIIGLCCKNQRLIDQKIIELDGTPNKEKLGANAILGVSLAVAKAAANELRMPLFRYLGGTNPTLMPVPMLNVINGGEHA
SNTLDFQEFMIMPLGFRTFKEALQAANKVFHNLAKLLKKSGFETQVGDEGGFAPNFNSHEQALDFLVDAIKESGFNPGFK
GENAVAIAIDAAASEFYNGQKYVFKKLKAASLSKNQADLDEKFEFNSEELLNYYGQLLAKYPIISIEDGFAESDWQGFIA
FNQKYGNNHQIVGDDLTVTNVEILKKAINLKAINSILIKLNQIGTLSETLDAIHLAQKSGMTAVISHRSGESEDTTIADL
AVAVSSGQIKTGSLSRTDRIAKYNRLLVIEEYLNSYAKADYIGREVFYNLKKLEHHHHHH
;
_entity_poly.pdbx_strand_id   A,B
#
# COMPACT_ATOMS: atom_id res chain seq x y z
N SER A 2 6.10 -29.32 -16.20
CA SER A 2 6.45 -30.25 -15.13
C SER A 2 5.30 -30.41 -14.12
N LYS A 3 5.36 -31.42 -13.27
CA LYS A 3 4.20 -31.78 -12.46
C LYS A 3 4.12 -30.97 -11.18
N ILE A 4 2.90 -30.56 -10.84
CA ILE A 4 2.64 -29.92 -9.56
C ILE A 4 2.88 -30.93 -8.44
N THR A 5 3.67 -30.52 -7.44
CA THR A 5 4.00 -31.35 -6.29
C THR A 5 3.38 -30.86 -4.97
N LYS A 6 3.03 -29.58 -4.86
CA LYS A 6 2.53 -29.02 -3.61
C LYS A 6 1.71 -27.77 -3.93
N VAL A 7 0.56 -27.66 -3.26
CA VAL A 7 -0.32 -26.49 -3.30
C VAL A 7 -0.68 -26.18 -1.86
N PHE A 8 -0.36 -24.97 -1.42
CA PHE A 8 -0.60 -24.59 -0.04
C PHE A 8 -1.15 -23.18 -0.01
N ALA A 9 -2.18 -22.99 0.82
CA ALA A 9 -2.83 -21.70 0.99
C ALA A 9 -2.72 -21.28 2.45
N ARG A 10 -2.75 -19.96 2.65
CA ARG A 10 -2.74 -19.38 3.98
C ARG A 10 -3.58 -18.12 3.98
N GLU A 11 -4.00 -17.72 5.18
CA GLU A 11 -4.74 -16.50 5.40
C GLU A 11 -3.75 -15.39 5.81
N ILE A 12 -3.83 -14.26 5.10
CA ILE A 12 -3.07 -13.06 5.38
C ILE A 12 -4.02 -11.88 5.32
N LEU A 13 -3.49 -10.65 5.33
CA LEU A 13 -4.33 -9.45 5.32
C LEU A 13 -4.17 -8.69 4.02
N ASP A 14 -5.26 -8.01 3.61
CA ASP A 14 -5.24 -7.18 2.42
C ASP A 14 -4.97 -5.72 2.82
N SER A 15 -4.97 -4.84 1.82
CA SER A 15 -4.52 -3.47 2.05
C SER A 15 -5.53 -2.64 2.82
N ARG A 16 -6.72 -3.16 3.08
CA ARG A 16 -7.67 -2.51 3.96
C ARG A 16 -7.69 -3.15 5.35
N GLY A 17 -6.76 -4.07 5.60
CA GLY A 17 -6.76 -4.72 6.89
C GLY A 17 -7.80 -5.80 7.08
N ASN A 18 -8.27 -6.43 6.01
CA ASN A 18 -9.21 -7.54 6.12
C ASN A 18 -8.55 -8.80 5.59
N PRO A 19 -8.93 -9.98 6.11
CA PRO A 19 -8.32 -11.22 5.63
C PRO A 19 -8.47 -11.42 4.13
N THR A 20 -7.43 -11.99 3.53
CA THR A 20 -7.53 -12.56 2.18
C THR A 20 -6.60 -13.76 2.13
N ILE A 21 -6.50 -14.36 0.94
CA ILE A 21 -5.88 -15.66 0.78
C ILE A 21 -4.69 -15.56 -0.18
N GLN A 22 -3.61 -16.24 0.18
CA GLN A 22 -2.41 -16.38 -0.64
C GLN A 22 -2.18 -17.86 -0.90
N VAL A 23 -1.90 -18.22 -2.15
CA VAL A 23 -1.66 -19.62 -2.54
C VAL A 23 -0.27 -19.73 -3.15
N ASP A 24 0.48 -20.73 -2.68
CA ASP A 24 1.79 -21.10 -3.22
C ASP A 24 1.68 -22.42 -3.99
N VAL A 25 2.32 -22.49 -5.15
CA VAL A 25 2.34 -23.71 -5.96
C VAL A 25 3.79 -24.06 -6.28
N TYR A 26 4.16 -25.34 -6.08
CA TYR A 26 5.49 -25.85 -6.40
C TYR A 26 5.39 -26.93 -7.48
N THR A 27 6.39 -26.98 -8.37
CA THR A 27 6.45 -28.00 -9.40
C THR A 27 7.73 -28.83 -9.25
N LEU A 28 7.65 -30.07 -9.74
CA LEU A 28 8.77 -31.01 -9.66
C LEU A 28 10.05 -30.45 -10.28
N ALA A 29 9.94 -29.61 -11.31
CA ALA A 29 11.11 -29.00 -11.92
C ALA A 29 11.70 -27.84 -11.12
N GLY A 30 11.14 -27.50 -9.95
CA GLY A 30 11.64 -26.39 -9.17
C GLY A 30 10.94 -25.06 -9.39
N GLY A 31 9.84 -25.03 -10.13
CA GLY A 31 9.09 -23.79 -10.27
C GLY A 31 8.31 -23.48 -9.00
N PHE A 32 8.22 -22.19 -8.69
CA PHE A 32 7.45 -21.68 -7.56
C PHE A 32 6.60 -20.53 -8.04
N GLY A 33 5.32 -20.56 -7.71
CA GLY A 33 4.41 -19.46 -8.03
C GLY A 33 3.57 -19.13 -6.82
N SER A 34 3.24 -17.85 -6.68
CA SER A 34 2.50 -17.43 -5.49
C SER A 34 1.61 -16.23 -5.84
N ALA A 35 0.35 -16.31 -5.41
CA ALA A 35 -0.62 -15.29 -5.78
C ALA A 35 -1.44 -14.91 -4.56
N ILE A 36 -1.88 -13.65 -4.54
CA ILE A 36 -2.72 -13.12 -3.47
C ILE A 36 -4.00 -12.60 -4.10
N VAL A 37 -5.13 -13.05 -3.59
CA VAL A 37 -6.43 -12.74 -4.18
C VAL A 37 -6.92 -11.39 -3.65
N PRO A 38 -7.39 -10.49 -4.50
CA PRO A 38 -7.96 -9.23 -4.02
C PRO A 38 -9.38 -9.40 -3.46
N SER A 39 -9.85 -8.34 -2.82
CA SER A 39 -11.19 -8.38 -2.25
C SER A 39 -12.25 -8.43 -3.34
N GLY A 40 -13.37 -9.09 -3.05
CA GLY A 40 -14.46 -9.26 -4.01
C GLY A 40 -15.84 -9.21 -3.38
N ALA A 41 -16.86 -9.72 -4.07
CA ALA A 41 -18.22 -9.76 -3.55
C ALA A 41 -18.52 -11.09 -2.87
N SER A 42 -19.26 -11.02 -1.77
CA SER A 42 -19.68 -12.16 -0.95
C SER A 42 -21.09 -12.62 -1.26
N THR A 43 -21.97 -11.69 -1.60
CA THR A 43 -23.32 -11.94 -2.03
C THR A 43 -23.50 -11.29 -3.40
N GLY A 44 -24.54 -11.68 -4.11
CA GLY A 44 -24.83 -11.11 -5.41
C GLY A 44 -25.25 -12.23 -6.32
N SER A 45 -26.09 -11.90 -7.30
CA SER A 45 -26.66 -12.90 -8.17
C SER A 45 -25.99 -12.95 -9.54
N ARG A 46 -24.85 -12.30 -9.71
CA ARG A 46 -24.33 -12.10 -11.07
C ARG A 46 -22.85 -12.43 -11.20
N GLU A 47 -22.07 -12.28 -10.14
CA GLU A 47 -20.62 -12.46 -10.23
C GLU A 47 -20.18 -13.68 -9.42
N ALA A 48 -18.93 -14.09 -9.62
CA ALA A 48 -18.36 -15.14 -8.79
C ALA A 48 -18.24 -14.64 -7.35
N LEU A 49 -18.45 -15.56 -6.40
CA LEU A 49 -18.64 -15.22 -4.99
C LEU A 49 -17.44 -15.69 -4.18
N GLU A 50 -16.77 -14.75 -3.52
CA GLU A 50 -15.75 -15.13 -2.55
C GLU A 50 -16.44 -15.70 -1.32
N LEU A 51 -15.73 -16.61 -0.65
CA LEU A 51 -16.24 -17.24 0.56
C LEU A 51 -15.52 -16.64 1.77
N ARG A 52 -16.30 -16.09 2.70
CA ARG A 52 -15.83 -15.59 3.98
C ARG A 52 -16.22 -16.61 5.07
N ASP A 53 -15.82 -16.32 6.31
CA ASP A 53 -15.96 -17.29 7.38
C ASP A 53 -17.28 -17.14 8.16
N THR A 54 -18.26 -16.43 7.61
CA THR A 54 -19.56 -16.29 8.24
C THR A 54 -20.13 -17.64 8.62
N ASN A 55 -20.65 -17.74 9.86
CA ASN A 55 -21.31 -18.96 10.34
C ASN A 55 -20.43 -20.19 10.22
N THR A 56 -19.18 -20.04 10.64
CA THR A 56 -18.24 -21.13 10.76
C THR A 56 -17.55 -20.98 12.10
N LYS A 57 -16.83 -22.02 12.51
CA LYS A 57 -16.02 -21.96 13.71
C LYS A 57 -14.96 -20.88 13.64
N TYR A 58 -14.73 -20.29 12.47
CA TYR A 58 -13.73 -19.26 12.27
C TYR A 58 -14.29 -17.85 12.39
N ALA A 59 -15.61 -17.71 12.52
CA ALA A 59 -16.24 -16.40 12.35
C ALA A 59 -15.65 -15.35 13.31
N ASP A 60 -15.28 -15.77 14.50
CA ASP A 60 -14.79 -14.83 15.49
C ASP A 60 -13.32 -14.46 15.33
N ASN A 61 -12.60 -15.00 14.33
CA ASN A 61 -11.17 -14.75 14.21
C ASN A 61 -10.86 -13.27 13.96
N TRP A 62 -11.60 -12.63 13.06
CA TRP A 62 -11.29 -11.28 12.60
C TRP A 62 -12.56 -10.43 12.61
N TYR A 63 -12.36 -9.11 12.67
CA TYR A 63 -13.49 -8.17 12.65
C TYR A 63 -14.44 -8.45 11.50
N GLY A 64 -15.74 -8.22 11.74
CA GLY A 64 -16.75 -8.37 10.71
C GLY A 64 -16.95 -9.78 10.21
N GLN A 65 -16.45 -10.79 10.91
CA GLN A 65 -16.47 -12.18 10.43
C GLN A 65 -15.86 -12.30 9.03
N LYS A 66 -14.73 -11.64 8.79
CA LYS A 66 -14.22 -11.54 7.44
C LYS A 66 -13.09 -12.52 7.13
N GLY A 67 -12.81 -13.47 8.03
CA GLY A 67 -11.76 -14.43 7.76
C GLY A 67 -12.00 -15.22 6.49
N VAL A 68 -10.96 -15.89 6.02
CA VAL A 68 -11.09 -16.70 4.80
C VAL A 68 -10.48 -18.07 5.01
N MET A 69 -10.49 -18.55 6.27
CA MET A 69 -9.95 -19.88 6.59
C MET A 69 -10.74 -21.01 5.92
N THR A 70 -12.04 -20.83 5.71
CA THR A 70 -12.79 -21.89 5.01
C THR A 70 -12.25 -22.07 3.60
N ALA A 71 -12.04 -20.96 2.89
CA ALA A 71 -11.45 -21.01 1.57
C ALA A 71 -10.02 -21.56 1.62
N VAL A 72 -9.26 -21.22 2.67
CA VAL A 72 -7.93 -21.81 2.85
C VAL A 72 -8.03 -23.32 3.01
N ASP A 73 -8.91 -23.77 3.90
CA ASP A 73 -9.15 -25.21 4.03
C ASP A 73 -9.59 -25.84 2.71
N ASN A 74 -10.44 -25.15 1.94
CA ASN A 74 -10.88 -25.70 0.65
C ASN A 74 -9.73 -25.86 -0.33
N VAL A 75 -8.76 -24.94 -0.31
CA VAL A 75 -7.57 -25.13 -1.14
C VAL A 75 -6.76 -26.32 -0.62
N ASN A 76 -6.48 -26.31 0.68
CA ASN A 76 -5.53 -27.27 1.22
C ASN A 76 -6.10 -28.68 1.29
N ASN A 77 -7.42 -28.83 1.45
CA ASN A 77 -8.02 -30.14 1.68
C ASN A 77 -8.81 -30.69 0.50
N ILE A 78 -9.29 -29.84 -0.42
CA ILE A 78 -10.16 -30.27 -1.50
C ILE A 78 -9.52 -30.03 -2.86
N ILE A 79 -9.03 -28.83 -3.12
CA ILE A 79 -8.51 -28.53 -4.45
C ILE A 79 -7.12 -29.12 -4.64
N ALA A 80 -6.26 -29.02 -3.62
CA ALA A 80 -4.87 -29.44 -3.79
C ALA A 80 -4.75 -30.92 -4.15
N PRO A 81 -5.36 -31.88 -3.44
CA PRO A 81 -5.22 -33.28 -3.87
C PRO A 81 -5.71 -33.54 -5.29
N GLU A 82 -6.67 -32.75 -5.80
CA GLU A 82 -7.17 -32.91 -7.17
C GLU A 82 -6.19 -32.41 -8.22
N ILE A 83 -5.31 -31.48 -7.84
CA ILE A 83 -4.47 -30.76 -8.79
C ILE A 83 -3.04 -31.30 -8.80
N ILE A 84 -2.57 -31.85 -7.68
CA ILE A 84 -1.20 -32.37 -7.61
C ILE A 84 -1.05 -33.54 -8.56
N GLY A 85 0.05 -33.57 -9.31
CA GLY A 85 0.29 -34.57 -10.31
C GLY A 85 -0.03 -34.14 -11.72
N LEU A 86 -0.73 -33.03 -11.91
CA LEU A 86 -1.01 -32.49 -13.24
C LEU A 86 0.15 -31.61 -13.71
N CYS A 87 0.41 -31.64 -15.01
CA CYS A 87 1.44 -30.76 -15.57
C CYS A 87 1.00 -29.31 -15.43
N CYS A 88 1.89 -28.48 -14.87
CA CYS A 88 1.53 -27.09 -14.57
C CYS A 88 1.30 -26.25 -15.82
N LYS A 89 1.90 -26.64 -16.96
CA LYS A 89 1.73 -25.88 -18.20
C LYS A 89 0.32 -25.95 -18.76
N ASN A 90 -0.53 -26.85 -18.26
CA ASN A 90 -1.87 -27.05 -18.80
C ASN A 90 -2.86 -26.15 -18.06
N GLN A 91 -2.72 -24.84 -18.29
CA GLN A 91 -3.53 -23.87 -17.57
C GLN A 91 -5.03 -24.15 -17.76
N ARG A 92 -5.44 -24.38 -19.00
CA ARG A 92 -6.87 -24.53 -19.26
C ARG A 92 -7.41 -25.80 -18.63
N LEU A 93 -6.64 -26.89 -18.68
CA LEU A 93 -7.01 -28.11 -17.98
C LEU A 93 -7.20 -27.86 -16.47
N ILE A 94 -6.21 -27.23 -15.83
CA ILE A 94 -6.29 -27.00 -14.39
C ILE A 94 -7.54 -26.19 -14.05
N ASP A 95 -7.75 -25.09 -14.77
CA ASP A 95 -8.90 -24.23 -14.51
C ASP A 95 -10.20 -24.98 -14.74
N GLN A 96 -10.25 -25.82 -15.78
CA GLN A 96 -11.46 -26.60 -16.03
C GLN A 96 -11.70 -27.59 -14.90
N LYS A 97 -10.65 -28.30 -14.47
CA LYS A 97 -10.78 -29.27 -13.38
C LYS A 97 -11.31 -28.62 -12.10
N ILE A 98 -10.79 -27.43 -11.76
CA ILE A 98 -11.20 -26.77 -10.53
C ILE A 98 -12.62 -26.21 -10.64
N ILE A 99 -13.00 -25.75 -11.83
CA ILE A 99 -14.38 -25.31 -12.03
C ILE A 99 -15.34 -26.48 -11.81
N GLU A 100 -15.04 -27.63 -12.41
CA GLU A 100 -15.88 -28.81 -12.23
C GLU A 100 -15.86 -29.30 -10.79
N LEU A 101 -14.70 -29.22 -10.14
CA LEU A 101 -14.62 -29.64 -8.75
C LEU A 101 -15.57 -28.83 -7.86
N ASP A 102 -15.74 -27.54 -8.15
CA ASP A 102 -16.66 -26.72 -7.39
C ASP A 102 -18.10 -26.99 -7.81
N GLY A 103 -18.35 -27.11 -9.11
CA GLY A 103 -19.64 -27.55 -9.58
C GLY A 103 -20.76 -26.53 -9.59
N THR A 104 -20.57 -25.35 -9.01
CA THR A 104 -21.59 -24.32 -9.05
C THR A 104 -21.16 -23.20 -9.99
N PRO A 105 -22.08 -22.63 -10.78
CA PRO A 105 -21.65 -21.66 -11.80
C PRO A 105 -20.99 -20.40 -11.23
N ASN A 106 -21.40 -19.95 -10.05
CA ASN A 106 -20.85 -18.75 -9.45
C ASN A 106 -19.72 -19.04 -8.46
N LYS A 107 -19.21 -20.28 -8.46
CA LYS A 107 -18.06 -20.69 -7.63
C LYS A 107 -18.34 -20.54 -6.13
N GLU A 108 -19.61 -20.67 -5.75
CA GLU A 108 -20.03 -20.42 -4.38
C GLU A 108 -19.60 -21.52 -3.42
N LYS A 109 -19.50 -22.76 -3.87
CA LYS A 109 -19.24 -23.85 -2.93
C LYS A 109 -17.84 -23.76 -2.35
N LEU A 110 -16.82 -23.76 -3.21
CA LEU A 110 -15.45 -23.66 -2.74
C LEU A 110 -15.00 -22.22 -2.50
N GLY A 111 -15.62 -21.24 -3.16
CA GLY A 111 -15.21 -19.86 -3.03
C GLY A 111 -14.45 -19.39 -4.25
N ALA A 112 -14.88 -18.26 -4.84
CA ALA A 112 -14.15 -17.71 -5.98
C ALA A 112 -12.73 -17.31 -5.59
N ASN A 113 -12.50 -16.98 -4.31
CA ASN A 113 -11.16 -16.60 -3.88
C ASN A 113 -10.24 -17.82 -3.78
N ALA A 114 -10.75 -18.95 -3.28
CA ALA A 114 -9.94 -20.17 -3.31
C ALA A 114 -9.62 -20.57 -4.74
N ILE A 115 -10.58 -20.43 -5.64
CA ILE A 115 -10.38 -20.89 -7.00
C ILE A 115 -9.37 -20.00 -7.73
N LEU A 116 -9.58 -18.66 -7.68
CA LEU A 116 -8.66 -17.75 -8.38
C LEU A 116 -7.23 -17.86 -7.83
N GLY A 117 -7.07 -17.94 -6.51
CA GLY A 117 -5.74 -18.09 -5.93
C GLY A 117 -4.95 -19.25 -6.51
N VAL A 118 -5.59 -20.42 -6.63
CA VAL A 118 -4.94 -21.56 -7.25
C VAL A 118 -4.69 -21.30 -8.74
N SER A 119 -5.69 -20.74 -9.43
CA SER A 119 -5.56 -20.50 -10.87
C SER A 119 -4.34 -19.65 -11.19
N LEU A 120 -4.12 -18.59 -10.42
CA LEU A 120 -3.01 -17.67 -10.68
C LEU A 120 -1.68 -18.25 -10.21
N ALA A 121 -1.64 -18.91 -9.06
CA ALA A 121 -0.38 -19.45 -8.59
C ALA A 121 0.12 -20.53 -9.54
N VAL A 122 -0.79 -21.32 -10.10
CA VAL A 122 -0.42 -22.31 -11.09
C VAL A 122 0.26 -21.67 -12.29
N ALA A 123 -0.33 -20.57 -12.79
CA ALA A 123 0.25 -19.91 -13.96
C ALA A 123 1.61 -19.31 -13.63
N LYS A 124 1.74 -18.70 -12.46
CA LYS A 124 3.01 -18.09 -12.11
C LYS A 124 4.10 -19.14 -11.93
N ALA A 125 3.75 -20.31 -11.37
CA ALA A 125 4.72 -21.40 -11.25
C ALA A 125 5.16 -21.91 -12.61
N ALA A 126 4.25 -21.94 -13.59
CA ALA A 126 4.62 -22.43 -14.91
C ALA A 126 5.54 -21.44 -15.62
N ALA A 127 5.20 -20.14 -15.55
CA ALA A 127 6.12 -19.10 -16.03
C ALA A 127 7.46 -19.17 -15.32
N ASN A 128 7.45 -19.30 -13.99
CA ASN A 128 8.70 -19.30 -13.24
C ASN A 128 9.60 -20.47 -13.65
N GLU A 129 9.01 -21.64 -13.88
CA GLU A 129 9.77 -22.82 -14.28
C GLU A 129 10.28 -22.70 -15.71
N LEU A 130 9.57 -21.98 -16.56
CA LEU A 130 10.04 -21.75 -17.92
C LEU A 130 10.97 -20.56 -18.02
N ARG A 131 11.29 -19.90 -16.91
CA ARG A 131 12.16 -18.71 -16.90
C ARG A 131 11.65 -17.66 -17.89
N MET A 132 10.35 -17.45 -17.89
CA MET A 132 9.67 -16.44 -18.70
C MET A 132 8.95 -15.45 -17.79
N PRO A 133 9.00 -14.16 -18.07
CA PRO A 133 8.09 -13.23 -17.39
C PRO A 133 6.65 -13.68 -17.61
N LEU A 134 5.80 -13.42 -16.62
CA LEU A 134 4.42 -13.90 -16.67
C LEU A 134 3.70 -13.45 -17.92
N PHE A 135 3.97 -12.22 -18.38
CA PHE A 135 3.25 -11.69 -19.53
C PHE A 135 3.66 -12.40 -20.82
N ARG A 136 4.90 -12.92 -20.88
CA ARG A 136 5.29 -13.72 -22.04
C ARG A 136 4.64 -15.09 -22.01
N TYR A 137 4.54 -15.69 -20.82
CA TYR A 137 3.80 -16.95 -20.67
C TYR A 137 2.35 -16.76 -21.06
N LEU A 138 1.72 -15.69 -20.56
CA LEU A 138 0.29 -15.54 -20.82
C LEU A 138 0.05 -15.16 -22.27
N GLY A 139 0.96 -14.42 -22.89
CA GLY A 139 0.64 -13.74 -24.12
C GLY A 139 1.34 -14.18 -25.40
N GLY A 140 2.35 -15.06 -25.32
CA GLY A 140 3.11 -15.43 -26.53
C GLY A 140 4.32 -14.53 -26.77
N THR A 141 4.86 -14.59 -28.00
CA THR A 141 6.11 -13.87 -28.31
C THR A 141 5.91 -12.38 -28.57
N ASN A 142 4.73 -11.97 -29.01
CA ASN A 142 4.59 -10.65 -29.59
C ASN A 142 4.15 -9.47 -28.71
N PRO A 143 3.68 -9.64 -27.47
CA PRO A 143 3.21 -8.46 -26.72
C PRO A 143 4.30 -7.40 -26.54
N THR A 144 3.96 -6.15 -26.86
CA THR A 144 4.83 -5.01 -26.64
C THR A 144 4.12 -3.77 -26.10
N LEU A 145 2.81 -3.81 -25.85
CA LEU A 145 2.03 -2.59 -25.67
C LEU A 145 1.93 -2.28 -24.18
N MET A 146 2.62 -1.22 -23.76
CA MET A 146 2.51 -0.73 -22.40
C MET A 146 1.18 0.01 -22.27
N PRO A 147 0.40 -0.25 -21.23
CA PRO A 147 -0.93 0.36 -21.16
C PRO A 147 -0.89 1.78 -20.64
N VAL A 148 -1.87 2.55 -21.08
CA VAL A 148 -2.11 3.88 -20.49
C VAL A 148 -2.79 3.69 -19.14
N PRO A 149 -2.27 4.28 -18.07
CA PRO A 149 -2.92 4.16 -16.76
C PRO A 149 -4.08 5.14 -16.60
N MET A 150 -5.13 4.66 -15.95
CA MET A 150 -6.23 5.49 -15.44
C MET A 150 -5.95 5.76 -13.97
N LEU A 151 -5.43 6.95 -13.65
CA LEU A 151 -4.97 7.25 -12.29
C LEU A 151 -6.03 7.98 -11.49
N ASN A 152 -6.57 7.31 -10.50
CA ASN A 152 -7.47 7.94 -9.55
C ASN A 152 -6.77 9.13 -8.89
N VAL A 153 -7.51 10.23 -8.69
CA VAL A 153 -6.97 11.39 -7.97
C VAL A 153 -8.02 12.02 -7.04
N ILE A 154 -9.28 12.07 -7.48
CA ILE A 154 -10.36 12.70 -6.73
C ILE A 154 -11.49 11.70 -6.52
N ASN A 155 -11.94 11.57 -5.27
CA ASN A 155 -12.94 10.58 -4.89
C ASN A 155 -14.18 11.25 -4.32
N GLY A 156 -15.32 10.63 -4.59
CA GLY A 156 -16.63 11.13 -4.15
C GLY A 156 -17.55 9.94 -3.89
N GLY A 157 -18.84 10.14 -4.18
CA GLY A 157 -19.75 9.02 -3.95
C GLY A 157 -20.03 8.76 -2.48
N GLU A 158 -20.52 7.54 -2.22
CA GLU A 158 -21.26 7.25 -0.99
C GLU A 158 -20.47 7.62 0.27
N HIS A 159 -19.23 7.16 0.38
CA HIS A 159 -18.51 7.22 1.66
C HIS A 159 -17.67 8.48 1.84
N ALA A 160 -17.53 9.30 0.81
CA ALA A 160 -16.77 10.55 0.94
C ALA A 160 -17.67 11.65 1.51
N SER A 161 -17.17 12.36 2.53
CA SER A 161 -17.91 13.43 3.17
C SER A 161 -18.22 14.61 2.25
N ASN A 162 -17.66 14.65 1.04
CA ASN A 162 -17.81 15.83 0.19
C ASN A 162 -19.14 15.79 -0.56
N THR A 163 -19.32 16.73 -1.49
CA THR A 163 -20.57 16.92 -2.21
C THR A 163 -20.49 16.39 -3.64
N LEU A 164 -19.55 15.50 -3.91
CA LEU A 164 -19.45 14.84 -5.21
C LEU A 164 -20.30 13.58 -5.18
N ASP A 165 -21.25 13.48 -6.11
CA ASP A 165 -22.04 12.25 -6.22
C ASP A 165 -21.37 11.21 -7.12
N PHE A 166 -20.63 11.63 -8.14
CA PHE A 166 -19.79 10.72 -8.91
C PHE A 166 -18.70 10.11 -8.02
N GLN A 167 -18.36 8.85 -8.30
CA GLN A 167 -17.51 8.13 -7.36
C GLN A 167 -16.01 8.45 -7.53
N GLU A 168 -15.52 8.59 -8.76
CA GLU A 168 -14.11 8.94 -8.87
C GLU A 168 -13.80 9.69 -10.15
N PHE A 169 -12.76 10.52 -10.07
CA PHE A 169 -12.16 11.22 -11.19
C PHE A 169 -10.73 10.73 -11.36
N MET A 170 -10.29 10.59 -12.63
CA MET A 170 -9.00 10.05 -12.97
C MET A 170 -8.34 10.89 -14.06
N ILE A 171 -7.00 10.87 -14.09
CA ILE A 171 -6.22 11.45 -15.18
C ILE A 171 -5.64 10.30 -16.00
N MET A 172 -5.44 10.56 -17.29
CA MET A 172 -4.81 9.61 -18.21
C MET A 172 -3.74 10.35 -19.00
N PRO A 173 -2.44 10.06 -18.77
CA PRO A 173 -1.38 10.78 -19.51
C PRO A 173 -1.20 10.27 -20.93
N LEU A 174 -1.68 11.01 -21.92
CA LEU A 174 -1.72 10.49 -23.28
C LEU A 174 -0.51 10.89 -24.12
N GLY A 175 -0.19 12.18 -24.21
CA GLY A 175 0.80 12.63 -25.18
C GLY A 175 2.25 12.45 -24.78
N PHE A 176 2.71 11.20 -24.65
CA PHE A 176 4.06 10.92 -24.18
C PHE A 176 4.63 9.75 -24.96
N ARG A 177 5.96 9.73 -25.09
CA ARG A 177 6.59 8.78 -25.99
C ARG A 177 6.76 7.40 -25.38
N THR A 178 6.98 7.33 -24.07
CA THR A 178 7.28 6.08 -23.37
C THR A 178 6.37 5.97 -22.16
N PHE A 179 6.24 4.74 -21.65
CA PHE A 179 5.50 4.55 -20.42
C PHE A 179 6.17 5.26 -19.25
N LYS A 180 7.50 5.23 -19.19
CA LYS A 180 8.20 5.92 -18.11
C LYS A 180 7.84 7.40 -18.10
N GLU A 181 7.81 8.04 -19.28
CA GLU A 181 7.52 9.46 -19.33
C GLU A 181 6.08 9.74 -18.94
N ALA A 182 5.15 8.87 -19.38
CA ALA A 182 3.76 9.04 -18.97
C ALA A 182 3.63 8.91 -17.45
N LEU A 183 4.34 7.96 -16.84
CA LEU A 183 4.28 7.82 -15.40
C LEU A 183 4.92 9.00 -14.69
N GLN A 184 6.00 9.54 -15.26
CA GLN A 184 6.58 10.76 -14.69
C GLN A 184 5.58 11.92 -14.72
N ALA A 185 4.83 12.04 -15.82
CA ALA A 185 3.81 13.09 -15.90
C ALA A 185 2.73 12.91 -14.84
N ALA A 186 2.25 11.67 -14.66
CA ALA A 186 1.25 11.43 -13.62
C ALA A 186 1.82 11.74 -12.23
N ASN A 187 3.07 11.38 -11.98
CA ASN A 187 3.76 11.77 -10.74
C ASN A 187 3.74 13.29 -10.54
N LYS A 188 3.97 14.05 -11.61
CA LYS A 188 4.00 15.51 -11.46
C LYS A 188 2.60 16.06 -11.21
N VAL A 189 1.59 15.59 -11.94
CA VAL A 189 0.22 16.04 -11.71
C VAL A 189 -0.23 15.71 -10.29
N PHE A 190 0.13 14.52 -9.80
CA PHE A 190 -0.32 14.04 -8.49
C PHE A 190 0.21 14.92 -7.35
N HIS A 191 1.51 15.18 -7.36
CA HIS A 191 2.11 15.97 -6.29
C HIS A 191 1.75 17.46 -6.41
N ASN A 192 1.62 17.97 -7.64
CA ASN A 192 1.12 19.33 -7.83
C ASN A 192 -0.34 19.44 -7.43
N LEU A 193 -1.14 18.41 -7.70
CA LEU A 193 -2.51 18.42 -7.24
C LEU A 193 -2.56 18.44 -5.71
N ALA A 194 -1.68 17.68 -5.06
CA ALA A 194 -1.65 17.66 -3.61
C ALA A 194 -1.20 19.00 -3.05
N LYS A 195 -0.29 19.68 -3.75
CA LYS A 195 0.16 21.00 -3.27
C LYS A 195 -0.96 22.04 -3.42
N LEU A 196 -1.64 22.05 -4.57
CA LEU A 196 -2.74 22.98 -4.79
C LEU A 196 -3.84 22.78 -3.77
N LEU A 197 -4.15 21.51 -3.45
CA LEU A 197 -5.17 21.20 -2.46
C LEU A 197 -4.80 21.76 -1.11
N LYS A 198 -3.57 21.52 -0.66
CA LYS A 198 -3.12 22.11 0.60
C LYS A 198 -3.20 23.63 0.55
N LYS A 199 -2.73 24.22 -0.56
CA LYS A 199 -2.76 25.68 -0.73
C LYS A 199 -4.14 26.26 -0.49
N SER A 200 -5.20 25.54 -0.85
CA SER A 200 -6.57 26.02 -0.67
C SER A 200 -7.21 25.48 0.62
N GLY A 201 -6.44 24.87 1.50
CA GLY A 201 -7.00 24.39 2.74
C GLY A 201 -7.79 23.11 2.66
N PHE A 202 -7.62 22.33 1.60
CA PHE A 202 -8.28 21.02 1.53
C PHE A 202 -7.44 19.95 2.22
N GLU A 203 -8.11 18.87 2.60
CA GLU A 203 -7.46 17.74 3.22
C GLU A 203 -6.70 16.92 2.19
N THR A 204 -5.60 16.32 2.63
CA THR A 204 -4.74 15.59 1.72
C THR A 204 -4.49 14.15 2.18
N GLN A 205 -5.26 13.65 3.14
CA GLN A 205 -5.24 12.22 3.41
C GLN A 205 -5.85 11.46 2.22
N VAL A 206 -5.65 10.14 2.21
CA VAL A 206 -6.03 9.34 1.04
C VAL A 206 -7.02 8.25 1.48
N GLY A 207 -7.73 7.72 0.49
CA GLY A 207 -8.64 6.61 0.67
C GLY A 207 -8.04 5.29 0.22
N ASP A 208 -8.93 4.35 -0.08
CA ASP A 208 -8.54 2.97 -0.37
C ASP A 208 -7.57 2.88 -1.54
N GLU A 209 -7.72 3.74 -2.55
CA GLU A 209 -6.88 3.65 -3.76
C GLU A 209 -5.75 4.65 -3.76
N GLY A 210 -5.52 5.36 -2.65
CA GLY A 210 -4.43 6.30 -2.55
C GLY A 210 -4.64 7.64 -3.21
N GLY A 211 -5.89 7.97 -3.60
CA GLY A 211 -6.23 9.29 -4.07
C GLY A 211 -6.93 10.13 -3.00
N PHE A 212 -7.29 11.34 -3.40
CA PHE A 212 -7.81 12.36 -2.49
C PHE A 212 -9.34 12.44 -2.54
N ALA A 213 -9.93 12.80 -1.40
CA ALA A 213 -11.37 13.09 -1.29
C ALA A 213 -11.55 14.43 -0.61
N PRO A 214 -11.12 15.52 -1.24
CA PRO A 214 -11.24 16.83 -0.60
C PRO A 214 -12.69 17.29 -0.56
N ASN A 215 -12.94 18.33 0.25
CA ASN A 215 -14.29 18.83 0.47
C ASN A 215 -14.75 19.76 -0.67
N PHE A 216 -14.79 19.21 -1.88
CA PHE A 216 -15.31 19.94 -3.02
C PHE A 216 -16.83 20.06 -2.93
N ASN A 217 -17.37 21.13 -3.54
CA ASN A 217 -18.79 21.43 -3.50
C ASN A 217 -19.57 20.88 -4.68
N SER A 218 -18.91 20.58 -5.80
CA SER A 218 -19.62 20.10 -6.98
C SER A 218 -18.63 19.41 -7.91
N HIS A 219 -19.20 18.63 -8.85
CA HIS A 219 -18.42 18.03 -9.92
C HIS A 219 -17.60 19.06 -10.69
N GLU A 220 -18.20 20.22 -10.95
CA GLU A 220 -17.51 21.28 -11.68
C GLU A 220 -16.33 21.81 -10.88
N GLN A 221 -16.51 22.05 -9.59
CA GLN A 221 -15.38 22.51 -8.79
C GLN A 221 -14.23 21.50 -8.81
N ALA A 222 -14.54 20.21 -8.66
CA ALA A 222 -13.50 19.19 -8.72
C ALA A 222 -12.82 19.16 -10.08
N LEU A 223 -13.63 19.16 -11.15
CA LEU A 223 -13.07 19.13 -12.51
C LEU A 223 -12.24 20.38 -12.83
N ASP A 224 -12.65 21.55 -12.32
CA ASP A 224 -11.85 22.75 -12.53
C ASP A 224 -10.49 22.62 -11.87
N PHE A 225 -10.49 22.18 -10.60
CA PHE A 225 -9.25 21.95 -9.86
C PHE A 225 -8.32 20.99 -10.60
N LEU A 226 -8.88 19.92 -11.14
CA LEU A 226 -8.10 18.94 -11.89
C LEU A 226 -7.44 19.60 -13.11
N VAL A 227 -8.21 20.38 -13.85
CA VAL A 227 -7.67 21.01 -15.06
C VAL A 227 -6.50 21.93 -14.72
N ASP A 228 -6.63 22.71 -13.65
CA ASP A 228 -5.56 23.63 -13.29
C ASP A 228 -4.31 22.90 -12.81
N ALA A 229 -4.50 21.80 -12.06
CA ALA A 229 -3.34 21.00 -11.65
C ALA A 229 -2.58 20.47 -12.86
N ILE A 230 -3.30 20.02 -13.89
CA ILE A 230 -2.63 19.55 -15.11
C ILE A 230 -1.81 20.68 -15.73
N LYS A 231 -2.41 21.87 -15.84
CA LYS A 231 -1.69 23.02 -16.39
C LYS A 231 -0.53 23.43 -15.50
N GLU A 232 -0.72 23.44 -14.18
CA GLU A 232 0.35 23.85 -13.27
C GLU A 232 1.56 22.93 -13.38
N SER A 233 1.33 21.65 -13.67
CA SER A 233 2.38 20.67 -13.85
C SER A 233 3.11 20.81 -15.19
N GLY A 234 2.63 21.64 -16.10
CA GLY A 234 3.29 21.83 -17.38
C GLY A 234 2.72 21.05 -18.54
N PHE A 235 1.47 20.59 -18.45
CA PHE A 235 0.88 19.73 -19.47
C PHE A 235 -0.37 20.38 -20.04
N ASN A 236 -0.91 19.77 -21.08
CA ASN A 236 -2.07 20.34 -21.73
C ASN A 236 -3.29 19.46 -21.48
N PRO A 237 -4.33 19.97 -20.83
CA PRO A 237 -5.56 19.18 -20.71
C PRO A 237 -6.19 19.02 -22.09
N GLY A 238 -6.32 17.77 -22.52
CA GLY A 238 -6.82 17.49 -23.84
C GLY A 238 -6.57 16.04 -24.22
N PHE A 239 -6.89 15.74 -25.47
CA PHE A 239 -6.76 14.40 -26.02
C PHE A 239 -5.54 14.24 -26.93
N LYS A 240 -5.33 15.15 -27.88
CA LYS A 240 -4.31 14.99 -28.91
C LYS A 240 -3.11 15.89 -28.65
N GLY A 241 -2.00 15.54 -29.29
CA GLY A 241 -0.79 16.34 -29.22
C GLY A 241 0.12 15.99 -28.05
N GLU A 242 1.29 16.62 -28.05
CA GLU A 242 2.29 16.37 -27.01
C GLU A 242 1.81 16.88 -25.67
N ASN A 243 2.13 16.11 -24.62
CA ASN A 243 1.85 16.49 -23.24
C ASN A 243 0.36 16.55 -22.93
N ALA A 244 -0.49 15.94 -23.76
CA ALA A 244 -1.91 15.90 -23.46
C ALA A 244 -2.17 15.02 -22.24
N VAL A 245 -3.02 15.49 -21.35
CA VAL A 245 -3.48 14.71 -20.22
C VAL A 245 -4.99 14.79 -20.18
N ALA A 246 -5.66 13.63 -20.30
CA ALA A 246 -7.12 13.60 -20.33
C ALA A 246 -7.67 13.25 -18.95
N ILE A 247 -8.99 13.32 -18.84
CA ILE A 247 -9.70 13.00 -17.60
C ILE A 247 -10.64 11.83 -17.89
N ALA A 248 -10.79 10.94 -16.90
CA ALA A 248 -11.83 9.93 -16.96
C ALA A 248 -12.64 9.96 -15.66
N ILE A 249 -13.89 9.50 -15.77
CA ILE A 249 -14.82 9.56 -14.66
C ILE A 249 -15.44 8.18 -14.44
N ASP A 250 -15.58 7.78 -13.17
CA ASP A 250 -16.47 6.68 -12.78
C ASP A 250 -17.64 7.29 -12.03
N ALA A 251 -18.77 7.46 -12.74
CA ALA A 251 -19.96 8.00 -12.11
C ALA A 251 -20.56 7.03 -11.10
N ALA A 252 -20.44 5.72 -11.34
CA ALA A 252 -21.06 4.68 -10.53
C ALA A 252 -22.55 4.99 -10.26
N ALA A 253 -23.29 5.15 -11.36
CA ALA A 253 -24.62 5.75 -11.29
C ALA A 253 -25.68 4.82 -10.71
N SER A 254 -25.43 3.51 -10.56
CA SER A 254 -26.34 2.68 -9.79
C SER A 254 -26.52 3.20 -8.37
N GLU A 255 -25.50 3.89 -7.84
CA GLU A 255 -25.55 4.31 -6.44
C GLU A 255 -26.48 5.49 -6.20
N PHE A 256 -26.83 6.25 -7.24
CA PHE A 256 -27.73 7.39 -7.05
C PHE A 256 -28.94 7.30 -7.98
N TYR A 257 -29.21 6.13 -8.54
CA TYR A 257 -30.44 5.84 -9.24
C TYR A 257 -31.43 5.26 -8.23
N ASN A 258 -32.67 5.77 -8.23
CA ASN A 258 -33.66 5.27 -7.28
C ASN A 258 -34.64 4.28 -7.89
N GLY A 259 -34.48 3.94 -9.17
CA GLY A 259 -35.42 3.11 -9.89
C GLY A 259 -36.04 3.84 -11.07
N GLN A 260 -36.24 5.15 -10.94
CA GLN A 260 -36.90 5.96 -11.96
C GLN A 260 -36.03 7.12 -12.41
N LYS A 261 -35.42 7.84 -11.46
CA LYS A 261 -34.60 8.98 -11.78
C LYS A 261 -33.25 8.88 -11.09
N TYR A 262 -32.28 9.60 -11.64
CA TYR A 262 -30.98 9.78 -11.01
C TYR A 262 -31.06 11.03 -10.13
N VAL A 263 -30.59 10.89 -8.89
CA VAL A 263 -30.67 11.98 -7.92
C VAL A 263 -29.27 12.26 -7.40
N PHE A 264 -28.78 13.48 -7.62
CA PHE A 264 -27.53 13.95 -7.02
C PHE A 264 -27.79 14.23 -5.55
N LYS A 265 -27.80 13.16 -4.75
CA LYS A 265 -28.37 13.27 -3.41
C LYS A 265 -27.45 13.96 -2.42
N LYS A 266 -26.13 13.84 -2.58
CA LYS A 266 -25.24 14.65 -1.73
C LYS A 266 -25.31 16.12 -2.10
N LEU A 267 -25.40 16.41 -3.40
CA LEU A 267 -25.52 17.79 -3.83
C LEU A 267 -26.82 18.40 -3.30
N LYS A 268 -27.92 17.64 -3.32
CA LYS A 268 -29.22 18.15 -2.88
C LYS A 268 -29.27 18.32 -1.37
N ALA A 269 -28.75 17.35 -0.62
CA ALA A 269 -28.67 17.49 0.84
C ALA A 269 -27.82 18.68 1.28
N ALA A 270 -27.00 19.25 0.39
CA ALA A 270 -26.22 20.43 0.74
C ALA A 270 -26.98 21.72 0.51
N SER A 271 -27.82 21.78 -0.54
CA SER A 271 -28.62 22.97 -0.79
C SER A 271 -29.86 22.98 0.10
N LEU A 272 -30.66 21.93 0.01
CA LEU A 272 -31.99 21.92 0.62
C LEU A 272 -31.95 21.54 2.08
N SER A 273 -32.68 22.28 2.91
CA SER A 273 -32.89 21.86 4.28
C SER A 273 -33.74 20.60 4.32
N LYS A 274 -33.85 20.01 5.51
CA LYS A 274 -34.44 18.68 5.62
C LYS A 274 -35.95 18.68 5.35
N ASN A 275 -36.64 19.77 5.65
CA ASN A 275 -38.08 19.88 5.40
C ASN A 275 -38.43 20.12 3.94
N GLN A 276 -37.43 20.34 3.08
CA GLN A 276 -37.67 20.80 1.72
C GLN A 276 -37.72 19.65 0.73
N ALA A 277 -38.66 19.74 -0.21
CA ALA A 277 -38.63 18.91 -1.39
C ALA A 277 -37.93 19.68 -2.51
N ASP A 278 -37.63 18.95 -3.58
CA ASP A 278 -36.96 19.51 -4.74
C ASP A 278 -38.02 19.83 -5.79
N LEU A 279 -38.83 20.85 -5.48
CA LEU A 279 -40.02 21.12 -6.28
C LEU A 279 -39.68 21.42 -7.74
N ASP A 280 -38.50 21.97 -7.99
CA ASP A 280 -38.07 22.36 -9.33
C ASP A 280 -37.36 21.24 -10.08
N GLU A 281 -37.12 20.08 -9.43
CA GLU A 281 -36.38 18.97 -10.02
C GLU A 281 -34.96 19.40 -10.43
N LYS A 282 -34.32 20.18 -9.56
CA LYS A 282 -33.01 20.75 -9.85
C LYS A 282 -31.89 19.71 -9.76
N PHE A 283 -32.04 18.73 -8.85
CA PHE A 283 -31.04 17.70 -8.60
C PHE A 283 -31.49 16.32 -9.05
N GLU A 284 -32.52 16.24 -9.92
CA GLU A 284 -33.06 14.99 -10.43
C GLU A 284 -32.95 14.95 -11.95
N PHE A 285 -32.85 13.73 -12.48
CA PHE A 285 -32.58 13.51 -13.90
C PHE A 285 -33.18 12.18 -14.32
N ASN A 286 -34.01 12.19 -15.35
CA ASN A 286 -34.27 10.94 -16.03
C ASN A 286 -33.06 10.59 -16.89
N SER A 287 -33.14 9.47 -17.62
CA SER A 287 -32.03 9.02 -18.46
C SER A 287 -31.56 10.11 -19.43
N GLU A 288 -32.49 10.66 -20.20
CA GLU A 288 -32.14 11.66 -21.20
C GLU A 288 -31.57 12.92 -20.55
N GLU A 289 -32.15 13.34 -19.42
CA GLU A 289 -31.63 14.52 -18.75
C GLU A 289 -30.21 14.29 -18.24
N LEU A 290 -29.92 13.07 -17.77
CA LEU A 290 -28.56 12.78 -17.32
C LEU A 290 -27.59 12.75 -18.50
N LEU A 291 -28.02 12.15 -19.62
CA LEU A 291 -27.23 12.21 -20.85
C LEU A 291 -26.94 13.65 -21.26
N ASN A 292 -27.92 14.55 -21.14
CA ASN A 292 -27.66 15.96 -21.44
C ASN A 292 -26.62 16.54 -20.48
N TYR A 293 -26.65 16.14 -19.21
CA TYR A 293 -25.67 16.64 -18.27
C TYR A 293 -24.26 16.15 -18.62
N TYR A 294 -24.12 14.85 -18.94
CA TYR A 294 -22.83 14.35 -19.41
C TYR A 294 -22.34 15.15 -20.62
N GLY A 295 -23.24 15.41 -21.58
CA GLY A 295 -22.85 16.18 -22.76
C GLY A 295 -22.30 17.54 -22.40
N GLN A 296 -22.86 18.20 -21.39
CA GLN A 296 -22.34 19.48 -20.94
C GLN A 296 -20.93 19.35 -20.40
N LEU A 297 -20.70 18.36 -19.51
CA LEU A 297 -19.36 18.16 -18.98
C LEU A 297 -18.37 17.82 -20.10
N LEU A 298 -18.79 16.95 -21.03
CA LEU A 298 -17.91 16.54 -22.12
C LEU A 298 -17.51 17.72 -22.99
N ALA A 299 -18.39 18.71 -23.18
CA ALA A 299 -18.07 19.86 -24.03
C ALA A 299 -17.04 20.78 -23.36
N LYS A 300 -17.17 20.98 -22.05
CA LYS A 300 -16.29 21.90 -21.32
C LYS A 300 -14.99 21.25 -20.81
N TYR A 301 -14.99 19.95 -20.53
CA TYR A 301 -13.82 19.34 -19.90
C TYR A 301 -13.27 18.21 -20.74
N PRO A 302 -11.94 17.98 -20.70
CA PRO A 302 -11.34 16.94 -21.55
C PRO A 302 -11.58 15.53 -21.01
N ILE A 303 -12.85 15.14 -20.93
CA ILE A 303 -13.23 13.83 -20.39
C ILE A 303 -13.25 12.84 -21.54
N ILE A 304 -12.28 11.93 -21.54
CA ILE A 304 -12.16 10.94 -22.60
C ILE A 304 -12.98 9.68 -22.31
N SER A 305 -13.30 9.41 -21.04
CA SER A 305 -13.89 8.13 -20.68
C SER A 305 -14.84 8.29 -19.50
N ILE A 306 -15.99 7.63 -19.59
CA ILE A 306 -16.98 7.64 -18.52
C ILE A 306 -17.40 6.20 -18.24
N GLU A 307 -17.26 5.77 -16.98
CA GLU A 307 -17.58 4.42 -16.53
C GLU A 307 -18.87 4.43 -15.72
N ASP A 308 -19.75 3.45 -15.98
CA ASP A 308 -21.04 3.32 -15.29
C ASP A 308 -21.81 4.64 -15.27
N GLY A 309 -21.91 5.27 -16.43
CA GLY A 309 -22.68 6.51 -16.52
C GLY A 309 -24.14 6.34 -16.15
N PHE A 310 -24.68 5.13 -16.28
CA PHE A 310 -26.08 4.85 -16.02
C PHE A 310 -26.16 3.61 -15.14
N ALA A 311 -27.34 3.33 -14.61
CA ALA A 311 -27.46 2.27 -13.62
C ALA A 311 -27.41 0.89 -14.29
N GLU A 312 -27.09 -0.13 -13.48
CA GLU A 312 -27.00 -1.51 -13.96
C GLU A 312 -28.31 -1.99 -14.58
N SER A 313 -29.44 -1.49 -14.11
CA SER A 313 -30.73 -1.92 -14.64
C SER A 313 -31.22 -1.02 -15.77
N ASP A 314 -30.53 0.09 -16.02
CA ASP A 314 -30.97 1.03 -17.04
C ASP A 314 -30.18 0.80 -18.34
N TRP A 315 -30.46 -0.35 -18.97
CA TRP A 315 -29.84 -0.69 -20.24
C TRP A 315 -30.16 0.34 -21.31
N GLN A 316 -31.37 0.89 -21.29
CA GLN A 316 -31.72 1.91 -22.27
C GLN A 316 -30.84 3.14 -22.16
N GLY A 317 -30.61 3.63 -20.93
CA GLY A 317 -29.71 4.77 -20.76
C GLY A 317 -28.34 4.52 -21.37
N PHE A 318 -27.81 3.31 -21.19
CA PHE A 318 -26.52 2.99 -21.78
C PHE A 318 -26.59 3.01 -23.31
N ILE A 319 -27.63 2.41 -23.87
CA ILE A 319 -27.76 2.32 -25.32
C ILE A 319 -27.84 3.71 -25.94
N ALA A 320 -28.57 4.62 -25.29
CA ALA A 320 -28.64 5.99 -25.77
C ALA A 320 -27.32 6.73 -25.56
N PHE A 321 -26.66 6.48 -24.42
CA PHE A 321 -25.33 7.06 -24.19
C PHE A 321 -24.33 6.66 -25.29
N ASN A 322 -24.27 5.35 -25.60
CA ASN A 322 -23.35 4.89 -26.66
C ASN A 322 -23.75 5.44 -28.02
N GLN A 323 -25.05 5.64 -28.26
CA GLN A 323 -25.52 6.20 -29.51
C GLN A 323 -25.09 7.65 -29.69
N LYS A 324 -25.17 8.47 -28.64
CA LYS A 324 -24.94 9.90 -28.79
C LYS A 324 -23.46 10.27 -28.78
N TYR A 325 -22.65 9.68 -27.88
CA TYR A 325 -21.26 10.07 -27.70
C TYR A 325 -20.28 8.92 -27.83
N GLY A 326 -20.74 7.72 -28.22
CA GLY A 326 -19.86 6.56 -28.28
C GLY A 326 -18.82 6.61 -29.38
N ASN A 327 -19.05 7.42 -30.41
CA ASN A 327 -18.05 7.55 -31.46
C ASN A 327 -16.82 8.30 -30.98
N ASN A 328 -16.99 9.22 -30.02
CA ASN A 328 -15.94 10.14 -29.62
C ASN A 328 -15.48 9.96 -28.18
N HIS A 329 -16.09 9.06 -27.42
CA HIS A 329 -15.82 8.93 -26.00
C HIS A 329 -15.93 7.47 -25.59
N GLN A 330 -15.09 7.07 -24.64
CA GLN A 330 -15.16 5.72 -24.09
C GLN A 330 -16.33 5.61 -23.11
N ILE A 331 -17.11 4.54 -23.27
CA ILE A 331 -18.27 4.22 -22.41
C ILE A 331 -17.99 2.86 -21.77
N VAL A 332 -17.66 2.84 -20.48
CA VAL A 332 -17.23 1.63 -19.77
C VAL A 332 -18.38 1.06 -18.93
N GLY A 333 -18.56 -0.24 -19.01
CA GLY A 333 -19.41 -0.99 -18.08
C GLY A 333 -18.56 -1.60 -16.98
N ASP A 334 -18.98 -1.40 -15.74
CA ASP A 334 -18.35 -2.08 -14.62
C ASP A 334 -19.41 -2.85 -13.83
N ASP A 335 -20.21 -2.11 -13.05
CA ASP A 335 -21.34 -2.74 -12.39
C ASP A 335 -22.32 -3.29 -13.41
N LEU A 336 -22.43 -2.66 -14.58
CA LEU A 336 -23.32 -3.17 -15.61
C LEU A 336 -22.99 -4.61 -16.01
N THR A 337 -21.69 -4.94 -16.10
CA THR A 337 -21.26 -6.19 -16.72
C THR A 337 -20.62 -7.19 -15.78
N VAL A 338 -20.04 -6.72 -14.66
CA VAL A 338 -19.30 -7.48 -13.65
C VAL A 338 -18.47 -8.64 -14.21
N THR A 339 -17.77 -8.41 -15.32
CA THR A 339 -16.88 -9.42 -15.92
C THR A 339 -17.61 -10.73 -16.19
N ASN A 340 -18.87 -10.62 -16.57
CA ASN A 340 -19.71 -11.80 -16.84
C ASN A 340 -19.83 -11.95 -18.35
N VAL A 341 -19.39 -13.09 -18.87
CA VAL A 341 -19.34 -13.35 -20.30
C VAL A 341 -20.73 -13.26 -20.94
N GLU A 342 -21.75 -13.79 -20.25
CA GLU A 342 -23.11 -13.75 -20.80
C GLU A 342 -23.65 -12.33 -20.84
N ILE A 343 -23.35 -11.52 -19.83
CA ILE A 343 -23.80 -10.13 -19.84
C ILE A 343 -23.04 -9.32 -20.89
N LEU A 344 -21.75 -9.63 -21.11
CA LEU A 344 -20.99 -8.97 -22.17
C LEU A 344 -21.59 -9.27 -23.54
N LYS A 345 -22.01 -10.52 -23.78
CA LYS A 345 -22.68 -10.84 -25.04
C LYS A 345 -23.92 -9.99 -25.24
N LYS A 346 -24.68 -9.77 -24.16
CA LYS A 346 -25.84 -8.89 -24.21
C LYS A 346 -25.44 -7.45 -24.50
N ALA A 347 -24.41 -6.95 -23.81
CA ALA A 347 -23.94 -5.59 -24.05
C ALA A 347 -23.43 -5.41 -25.48
N ILE A 348 -22.75 -6.42 -26.02
CA ILE A 348 -22.30 -6.38 -27.41
C ILE A 348 -23.50 -6.33 -28.35
N ASN A 349 -24.49 -7.18 -28.09
CA ASN A 349 -25.66 -7.30 -28.96
C ASN A 349 -26.53 -6.04 -28.91
N LEU A 350 -26.66 -5.42 -27.73
CA LEU A 350 -27.46 -4.21 -27.59
C LEU A 350 -26.66 -2.93 -27.84
N LYS A 351 -25.37 -3.04 -28.13
CA LYS A 351 -24.49 -1.88 -28.34
C LYS A 351 -24.55 -0.91 -27.16
N ALA A 352 -24.49 -1.46 -25.95
CA ALA A 352 -24.64 -0.68 -24.72
C ALA A 352 -23.36 0.07 -24.35
N ILE A 353 -22.19 -0.51 -24.64
CA ILE A 353 -20.90 0.05 -24.23
C ILE A 353 -19.89 -0.16 -25.35
N ASN A 354 -18.76 0.52 -25.23
CA ASN A 354 -17.63 0.22 -26.11
C ASN A 354 -16.37 -0.15 -25.32
N SER A 355 -16.54 -0.49 -24.04
CA SER A 355 -15.42 -0.80 -23.16
C SER A 355 -15.97 -1.52 -21.93
N ILE A 356 -15.13 -2.37 -21.33
CA ILE A 356 -15.53 -3.12 -20.13
C ILE A 356 -14.33 -3.24 -19.20
N LEU A 357 -14.56 -3.05 -17.91
CA LEU A 357 -13.58 -3.38 -16.87
C LEU A 357 -13.44 -4.89 -16.71
N ILE A 358 -12.22 -5.34 -16.47
CA ILE A 358 -11.91 -6.76 -16.30
C ILE A 358 -11.38 -6.96 -14.90
N LYS A 359 -12.08 -7.76 -14.10
CA LYS A 359 -11.70 -8.05 -12.71
C LYS A 359 -11.58 -9.56 -12.55
N LEU A 360 -10.34 -10.05 -12.47
CA LEU A 360 -10.03 -11.47 -12.35
C LEU A 360 -10.96 -12.20 -11.38
N ASN A 361 -11.15 -11.64 -10.20
CA ASN A 361 -11.84 -12.31 -9.12
C ASN A 361 -13.36 -12.16 -9.23
N GLN A 362 -13.85 -11.40 -10.21
CA GLN A 362 -15.27 -11.36 -10.50
C GLN A 362 -15.72 -12.52 -11.36
N ILE A 363 -14.81 -13.18 -12.08
CA ILE A 363 -15.13 -14.31 -12.93
C ILE A 363 -14.55 -15.60 -12.37
N GLY A 364 -13.31 -15.57 -11.88
CA GLY A 364 -12.83 -16.51 -10.88
C GLY A 364 -11.68 -17.40 -11.32
N THR A 365 -11.39 -17.53 -12.62
CA THR A 365 -10.18 -18.20 -13.09
C THR A 365 -9.49 -17.37 -14.16
N LEU A 366 -8.23 -17.71 -14.44
CA LEU A 366 -7.47 -16.98 -15.44
C LEU A 366 -7.95 -17.30 -16.85
N SER A 367 -8.27 -18.57 -17.14
CA SER A 367 -8.73 -18.92 -18.49
C SER A 367 -10.07 -18.25 -18.82
N GLU A 368 -10.97 -18.13 -17.84
CA GLU A 368 -12.23 -17.47 -18.13
C GLU A 368 -12.02 -15.98 -18.34
N THR A 369 -11.11 -15.39 -17.55
CA THR A 369 -10.76 -14.00 -17.77
C THR A 369 -10.21 -13.79 -19.18
N LEU A 370 -9.35 -14.71 -19.66
CA LEU A 370 -8.80 -14.53 -20.99
C LEU A 370 -9.87 -14.73 -22.07
N ASP A 371 -10.79 -15.70 -21.86
CA ASP A 371 -11.94 -15.81 -22.76
C ASP A 371 -12.70 -14.49 -22.84
N ALA A 372 -12.93 -13.86 -21.67
CA ALA A 372 -13.76 -12.67 -21.62
C ALA A 372 -13.08 -11.49 -22.30
N ILE A 373 -11.78 -11.33 -22.04
CA ILE A 373 -10.98 -10.30 -22.71
C ILE A 373 -11.03 -10.48 -24.23
N HIS A 374 -10.77 -11.70 -24.69
CA HIS A 374 -10.73 -11.97 -26.12
C HIS A 374 -12.08 -11.67 -26.78
N LEU A 375 -13.20 -12.05 -26.12
CA LEU A 375 -14.53 -11.73 -26.67
C LEU A 375 -14.74 -10.22 -26.75
N ALA A 376 -14.31 -9.48 -25.74
CA ALA A 376 -14.45 -8.03 -25.74
C ALA A 376 -13.68 -7.40 -26.90
N GLN A 377 -12.41 -7.80 -27.07
CA GLN A 377 -11.56 -7.19 -28.08
C GLN A 377 -12.00 -7.57 -29.50
N LYS A 378 -12.41 -8.82 -29.70
CA LYS A 378 -12.90 -9.24 -31.01
C LYS A 378 -14.10 -8.40 -31.45
N SER A 379 -14.91 -7.93 -30.49
CA SER A 379 -16.10 -7.17 -30.77
C SER A 379 -15.84 -5.69 -30.90
N GLY A 380 -14.58 -5.28 -30.84
CA GLY A 380 -14.26 -3.87 -31.00
C GLY A 380 -14.34 -3.07 -29.72
N MET A 381 -14.36 -3.71 -28.57
CA MET A 381 -14.32 -3.03 -27.29
C MET A 381 -12.90 -3.04 -26.71
N THR A 382 -12.62 -2.07 -25.85
CA THR A 382 -11.40 -2.14 -25.06
C THR A 382 -11.69 -2.92 -23.78
N ALA A 383 -10.67 -3.60 -23.27
CA ALA A 383 -10.75 -4.34 -22.01
C ALA A 383 -9.77 -3.68 -21.04
N VAL A 384 -10.30 -3.01 -20.02
CA VAL A 384 -9.50 -2.26 -19.06
C VAL A 384 -9.25 -3.15 -17.86
N ILE A 385 -7.99 -3.53 -17.64
CA ILE A 385 -7.64 -4.43 -16.54
C ILE A 385 -7.71 -3.65 -15.24
N SER A 386 -8.52 -4.14 -14.29
CA SER A 386 -8.88 -3.35 -13.12
C SER A 386 -8.41 -3.99 -11.82
N HIS A 387 -8.06 -3.12 -10.87
CA HIS A 387 -7.77 -3.48 -9.49
C HIS A 387 -9.09 -3.64 -8.72
N ARG A 388 -8.98 -3.96 -7.43
CA ARG A 388 -10.10 -3.92 -6.50
C ARG A 388 -9.78 -2.93 -5.37
N SER A 389 -10.77 -2.67 -4.52
CA SER A 389 -10.56 -1.82 -3.36
C SER A 389 -9.58 -2.44 -2.38
N GLY A 390 -9.69 -3.75 -2.15
CA GLY A 390 -8.79 -4.47 -1.27
C GLY A 390 -7.76 -5.19 -2.10
N GLU A 391 -6.48 -4.88 -1.85
CA GLU A 391 -5.40 -5.23 -2.77
C GLU A 391 -4.18 -5.66 -1.98
N SER A 392 -3.10 -5.96 -2.71
CA SER A 392 -1.86 -6.46 -2.16
C SER A 392 -0.71 -6.06 -3.08
N GLU A 393 0.50 -6.51 -2.76
CA GLU A 393 1.64 -6.30 -3.64
C GLU A 393 1.61 -7.23 -4.86
N ASP A 394 0.59 -8.07 -4.98
CA ASP A 394 0.48 -8.90 -6.18
C ASP A 394 0.29 -8.00 -7.40
N THR A 395 1.02 -8.29 -8.49
CA THR A 395 0.97 -7.43 -9.66
C THR A 395 0.53 -8.17 -10.92
N THR A 396 -0.27 -9.23 -10.76
CA THR A 396 -0.74 -10.00 -11.92
C THR A 396 -1.30 -9.12 -13.02
N ILE A 397 -2.11 -8.12 -12.66
CA ILE A 397 -2.87 -7.35 -13.64
C ILE A 397 -1.97 -6.49 -14.51
N ALA A 398 -0.78 -6.13 -14.02
CA ALA A 398 0.23 -5.51 -14.88
C ALA A 398 0.63 -6.44 -16.00
N ASP A 399 1.04 -7.67 -15.66
CA ASP A 399 1.43 -8.63 -16.69
C ASP A 399 0.24 -8.96 -17.59
N LEU A 400 -0.96 -9.04 -17.01
CA LEU A 400 -2.13 -9.39 -17.81
C LEU A 400 -2.41 -8.30 -18.82
N ALA A 401 -2.38 -7.05 -18.38
CA ALA A 401 -2.64 -5.94 -19.30
C ALA A 401 -1.67 -5.94 -20.48
N VAL A 402 -0.39 -6.22 -20.23
CA VAL A 402 0.58 -6.27 -21.33
C VAL A 402 0.37 -7.51 -22.19
N ALA A 403 0.10 -8.66 -21.54
CA ALA A 403 -0.04 -9.92 -22.27
C ALA A 403 -1.14 -9.86 -23.33
N VAL A 404 -2.26 -9.22 -23.03
CA VAL A 404 -3.40 -9.18 -23.95
C VAL A 404 -3.44 -7.89 -24.76
N SER A 405 -2.44 -7.01 -24.63
CA SER A 405 -2.42 -5.70 -25.27
C SER A 405 -3.72 -4.95 -24.96
N SER A 406 -4.09 -4.91 -23.69
CA SER A 406 -5.29 -4.17 -23.30
C SER A 406 -5.19 -2.71 -23.74
N GLY A 407 -4.05 -2.08 -23.51
CA GLY A 407 -3.87 -0.68 -23.81
C GLY A 407 -4.27 0.25 -22.68
N GLN A 408 -4.99 -0.26 -21.68
CA GLN A 408 -5.42 0.56 -20.55
C GLN A 408 -5.46 -0.29 -19.30
N ILE A 409 -5.04 0.28 -18.19
CA ILE A 409 -5.08 -0.36 -16.89
C ILE A 409 -5.62 0.65 -15.89
N LYS A 410 -6.32 0.15 -14.87
CA LYS A 410 -6.93 0.97 -13.83
C LYS A 410 -6.47 0.39 -12.50
N THR A 411 -5.50 1.01 -11.87
CA THR A 411 -4.94 0.38 -10.68
C THR A 411 -4.57 1.40 -9.60
N GLY A 412 -5.22 2.56 -9.63
CA GLY A 412 -5.27 3.41 -8.46
C GLY A 412 -4.44 4.66 -8.61
N SER A 413 -4.38 5.41 -7.52
CA SER A 413 -3.62 6.66 -7.53
C SER A 413 -2.13 6.36 -7.43
N LEU A 414 -1.32 7.40 -7.18
CA LEU A 414 0.14 7.23 -7.02
C LEU A 414 0.57 7.29 -5.56
N SER A 415 -0.16 6.61 -4.68
CA SER A 415 0.37 6.31 -3.35
C SER A 415 -0.23 4.99 -2.91
N ARG A 416 0.39 4.42 -1.87
CA ARG A 416 0.11 3.09 -1.32
C ARG A 416 0.72 2.01 -2.20
N THR A 417 1.48 1.10 -1.57
CA THR A 417 2.10 0.02 -2.30
C THR A 417 1.07 -0.83 -3.02
N ASP A 418 -0.16 -0.93 -2.50
CA ASP A 418 -1.19 -1.75 -3.15
C ASP A 418 -1.50 -1.27 -4.56
N ARG A 419 -1.25 0.00 -4.85
CA ARG A 419 -1.33 0.53 -6.20
C ARG A 419 0.04 0.69 -6.85
N ILE A 420 1.03 1.19 -6.10
CA ILE A 420 2.34 1.55 -6.64
C ILE A 420 3.06 0.32 -7.19
N ALA A 421 2.90 -0.83 -6.54
CA ALA A 421 3.57 -2.05 -7.00
C ALA A 421 3.20 -2.37 -8.45
N LYS A 422 1.97 -2.07 -8.88
CA LYS A 422 1.59 -2.36 -10.26
C LYS A 422 2.31 -1.45 -11.24
N TYR A 423 2.45 -0.16 -10.90
CA TYR A 423 3.20 0.73 -11.77
C TYR A 423 4.66 0.33 -11.81
N ASN A 424 5.19 -0.12 -10.67
CA ASN A 424 6.56 -0.60 -10.61
C ASN A 424 6.75 -1.84 -11.46
N ARG A 425 5.76 -2.75 -11.45
CA ARG A 425 5.86 -3.93 -12.30
C ARG A 425 5.85 -3.53 -13.78
N LEU A 426 5.05 -2.52 -14.14
CA LEU A 426 5.06 -2.02 -15.51
C LEU A 426 6.40 -1.39 -15.88
N LEU A 427 7.06 -0.72 -14.92
CA LEU A 427 8.39 -0.20 -15.18
C LEU A 427 9.39 -1.33 -15.43
N VAL A 428 9.28 -2.43 -14.67
CA VAL A 428 10.16 -3.58 -14.90
C VAL A 428 9.82 -4.25 -16.23
N ILE A 429 8.54 -4.36 -16.58
CA ILE A 429 8.18 -4.93 -17.87
C ILE A 429 8.70 -4.04 -19.01
N GLU A 430 8.57 -2.72 -18.83
CA GLU A 430 9.09 -1.81 -19.84
C GLU A 430 10.60 -1.98 -20.00
N GLU A 431 11.32 -2.17 -18.90
CA GLU A 431 12.76 -2.38 -18.97
C GLU A 431 13.08 -3.69 -19.68
N TYR A 432 12.31 -4.75 -19.39
CA TYR A 432 12.54 -6.03 -20.06
C TYR A 432 12.34 -5.90 -21.57
N LEU A 433 11.25 -5.25 -21.99
CA LEU A 433 10.98 -5.10 -23.41
C LEU A 433 11.99 -4.18 -24.08
N ASN A 434 12.54 -3.19 -23.36
CA ASN A 434 13.49 -2.29 -23.99
C ASN A 434 14.77 -3.03 -24.41
N SER A 435 15.22 -3.99 -23.61
CA SER A 435 16.44 -4.69 -23.99
C SER A 435 16.22 -5.93 -24.85
N TYR A 436 15.12 -6.66 -24.69
CA TYR A 436 14.90 -7.93 -25.41
C TYR A 436 13.84 -7.87 -26.49
N ALA A 437 13.27 -6.68 -26.73
CA ALA A 437 12.24 -6.49 -27.75
C ALA A 437 12.05 -5.01 -28.01
N LYS A 438 10.80 -4.53 -27.92
CA LYS A 438 10.54 -3.09 -27.91
C LYS A 438 9.34 -2.80 -27.03
N ALA A 439 9.40 -1.70 -26.29
CA ALA A 439 8.25 -1.25 -25.50
C ALA A 439 7.56 -0.16 -26.30
N ASP A 440 6.27 -0.34 -26.56
CA ASP A 440 5.47 0.68 -27.23
C ASP A 440 4.52 1.33 -26.23
N TYR A 441 4.58 2.65 -26.17
CA TYR A 441 3.54 3.48 -25.57
C TYR A 441 3.01 4.36 -26.68
N ILE A 442 1.72 4.20 -27.00
CA ILE A 442 1.11 4.85 -28.15
C ILE A 442 0.06 5.88 -27.75
N GLY A 443 -0.05 6.20 -26.46
CA GLY A 443 -0.92 7.26 -26.00
C GLY A 443 -2.36 7.09 -26.47
N ARG A 444 -2.89 8.15 -27.11
CA ARG A 444 -4.30 8.18 -27.50
C ARG A 444 -4.67 7.08 -28.48
N GLU A 445 -3.68 6.48 -29.15
CA GLU A 445 -4.01 5.44 -30.13
C GLU A 445 -4.57 4.17 -29.50
N VAL A 446 -4.60 4.04 -28.17
CA VAL A 446 -5.15 2.81 -27.60
C VAL A 446 -6.67 2.76 -27.72
N PHE A 447 -7.32 3.91 -27.95
CA PHE A 447 -8.78 3.95 -28.10
C PHE A 447 -9.19 3.54 -29.53
N TYR A 448 -8.84 2.30 -29.88
CA TYR A 448 -9.30 1.74 -31.15
C TYR A 448 -10.81 1.55 -31.18
N ASN A 449 -11.48 1.60 -30.02
CA ASN A 449 -12.93 1.48 -29.95
C ASN A 449 -13.65 2.77 -30.30
N LEU A 450 -12.93 3.87 -30.48
CA LEU A 450 -13.55 5.16 -30.77
C LEU A 450 -13.47 5.43 -32.26
N LYS A 451 -14.64 5.58 -32.88
CA LYS A 451 -14.72 5.79 -34.33
C LYS A 451 -13.98 7.05 -34.75
N LYS A 452 -14.11 8.12 -33.97
CA LYS A 452 -13.41 9.37 -34.27
C LYS A 452 -13.08 10.08 -32.96
N LEU A 453 -11.87 9.93 -32.50
CA LEU A 453 -11.39 10.78 -31.43
C LEU A 453 -11.04 12.17 -31.98
N GLU A 454 -11.59 13.20 -31.34
CA GLU A 454 -11.45 14.57 -31.78
C GLU A 454 -10.43 15.31 -30.91
N HIS A 455 -10.09 16.53 -31.35
CA HIS A 455 -9.36 17.46 -30.51
C HIS A 455 -10.32 18.05 -29.48
N HIS A 456 -9.92 17.99 -28.20
CA HIS A 456 -10.80 18.53 -27.17
C HIS A 456 -10.97 20.04 -27.31
N HIS A 457 -9.89 20.77 -27.55
CA HIS A 457 -9.98 22.23 -27.64
C HIS A 457 -10.81 22.68 -28.85
N HIS A 458 -11.00 21.81 -29.85
CA HIS A 458 -11.84 22.13 -30.98
C HIS A 458 -13.26 22.47 -30.52
N HIS A 459 -13.86 23.46 -31.18
CA HIS A 459 -15.26 23.77 -30.96
C HIS A 459 -16.12 22.72 -31.62
N HIS A 460 -16.88 21.97 -30.82
CA HIS A 460 -17.75 20.93 -31.34
C HIS A 460 -19.16 21.47 -31.63
N SER B 2 28.15 -18.99 -2.67
CA SER B 2 28.55 -19.00 -4.08
C SER B 2 28.85 -17.59 -4.58
N LYS B 3 29.53 -17.48 -5.72
CA LYS B 3 30.01 -16.19 -6.19
C LYS B 3 28.88 -15.34 -6.76
N ILE B 4 28.91 -14.04 -6.44
CA ILE B 4 27.99 -13.09 -7.06
C ILE B 4 28.35 -12.94 -8.53
N THR B 5 27.36 -13.13 -9.40
CA THR B 5 27.59 -13.01 -10.84
C THR B 5 27.02 -11.73 -11.42
N LYS B 6 25.98 -11.16 -10.81
CA LYS B 6 25.26 -10.02 -11.39
C LYS B 6 24.68 -9.18 -10.27
N VAL B 7 24.86 -7.86 -10.38
CA VAL B 7 24.24 -6.87 -9.50
C VAL B 7 23.61 -5.80 -10.40
N PHE B 8 22.32 -5.54 -10.24
CA PHE B 8 21.63 -4.58 -11.11
C PHE B 8 20.60 -3.81 -10.29
N ALA B 9 20.58 -2.48 -10.47
CA ALA B 9 19.69 -1.57 -9.78
C ALA B 9 18.78 -0.86 -10.78
N ARG B 10 17.58 -0.49 -10.31
CA ARG B 10 16.62 0.25 -11.11
C ARG B 10 15.89 1.23 -10.21
N GLU B 11 15.33 2.26 -10.83
CA GLU B 11 14.51 3.25 -10.15
C GLU B 11 13.03 2.87 -10.28
N ILE B 12 12.36 2.76 -9.13
CA ILE B 12 10.93 2.52 -9.06
C ILE B 12 10.36 3.59 -8.13
N LEU B 13 9.09 3.45 -7.75
CA LEU B 13 8.41 4.40 -6.87
C LEU B 13 8.13 3.78 -5.50
N ASP B 14 8.20 4.61 -4.46
CA ASP B 14 7.88 4.16 -3.11
C ASP B 14 6.40 4.40 -2.82
N SER B 15 5.96 4.18 -1.57
CA SER B 15 4.54 4.21 -1.26
C SER B 15 3.95 5.61 -1.18
N ARG B 16 4.78 6.65 -1.25
CA ARG B 16 4.31 8.02 -1.32
C ARG B 16 4.36 8.58 -2.72
N GLY B 17 4.62 7.75 -3.72
CA GLY B 17 4.72 8.28 -5.06
C GLY B 17 6.03 8.95 -5.37
N ASN B 18 7.11 8.68 -4.59
CA ASN B 18 8.43 9.28 -4.84
C ASN B 18 9.44 8.21 -5.23
N PRO B 19 10.42 8.53 -6.08
CA PRO B 19 11.37 7.52 -6.55
C PRO B 19 12.10 6.85 -5.40
N THR B 20 12.43 5.58 -5.59
CA THR B 20 13.39 4.89 -4.74
C THR B 20 14.09 3.82 -5.59
N ILE B 21 15.02 3.12 -4.97
CA ILE B 21 15.90 2.23 -5.70
C ILE B 21 15.61 0.79 -5.31
N GLN B 22 15.62 -0.10 -6.29
CA GLN B 22 15.52 -1.53 -6.10
C GLN B 22 16.79 -2.17 -6.63
N VAL B 23 17.31 -3.15 -5.90
CA VAL B 23 18.56 -3.83 -6.29
C VAL B 23 18.33 -5.34 -6.36
N ASP B 24 18.75 -5.95 -7.47
CA ASP B 24 18.76 -7.40 -7.64
C ASP B 24 20.19 -7.94 -7.63
N VAL B 25 20.37 -9.09 -6.98
CA VAL B 25 21.67 -9.76 -6.90
C VAL B 25 21.47 -11.22 -7.33
N TYR B 26 22.34 -11.72 -8.20
CA TYR B 26 22.34 -13.12 -8.60
C TYR B 26 23.67 -13.77 -8.25
N THR B 27 23.64 -15.07 -7.97
CA THR B 27 24.84 -15.84 -7.68
C THR B 27 24.96 -17.03 -8.60
N LEU B 28 26.21 -17.52 -8.71
CA LEU B 28 26.54 -18.63 -9.60
C LEU B 28 25.69 -19.86 -9.32
N ALA B 29 25.43 -20.15 -8.05
CA ALA B 29 24.64 -21.34 -7.71
C ALA B 29 23.13 -21.16 -7.95
N GLY B 30 22.68 -20.00 -8.44
CA GLY B 30 21.26 -19.80 -8.69
C GLY B 30 20.53 -18.98 -7.64
N GLY B 31 21.23 -18.40 -6.69
CA GLY B 31 20.56 -17.54 -5.73
C GLY B 31 20.14 -16.23 -6.34
N PHE B 32 19.00 -15.72 -5.88
CA PHE B 32 18.48 -14.43 -6.31
C PHE B 32 18.01 -13.67 -5.07
N GLY B 33 18.41 -12.41 -4.97
CA GLY B 33 17.97 -11.55 -3.89
C GLY B 33 17.58 -10.20 -4.44
N SER B 34 16.53 -9.63 -3.86
CA SER B 34 16.06 -8.33 -4.32
C SER B 34 15.59 -7.50 -3.14
N ALA B 35 15.93 -6.22 -3.13
CA ALA B 35 15.58 -5.38 -2.00
C ALA B 35 15.18 -3.99 -2.50
N ILE B 36 14.32 -3.34 -1.73
CA ILE B 36 13.87 -1.97 -2.03
C ILE B 36 14.19 -1.09 -0.83
N VAL B 37 14.88 0.01 -1.07
CA VAL B 37 15.31 0.92 0.01
C VAL B 37 14.14 1.83 0.40
N PRO B 38 13.88 2.02 1.68
CA PRO B 38 12.86 3.00 2.10
C PRO B 38 13.43 4.42 2.05
N SER B 39 12.54 5.40 2.18
CA SER B 39 12.96 6.80 2.08
C SER B 39 13.67 7.23 3.36
N GLY B 40 14.68 8.09 3.20
CA GLY B 40 15.50 8.54 4.32
C GLY B 40 15.85 10.02 4.22
N ALA B 41 16.89 10.47 4.92
CA ALA B 41 17.26 11.88 4.90
C ALA B 41 18.23 12.17 3.76
N SER B 42 18.08 13.36 3.17
CA SER B 42 18.97 13.85 2.13
C SER B 42 19.99 14.86 2.64
N THR B 43 19.69 15.51 3.77
CA THR B 43 20.62 16.40 4.44
C THR B 43 20.56 16.12 5.94
N GLY B 44 21.55 16.62 6.66
CA GLY B 44 21.68 16.35 8.08
C GLY B 44 23.15 16.02 8.26
N SER B 45 23.66 16.32 9.44
CA SER B 45 25.06 16.02 9.75
C SER B 45 25.21 14.80 10.64
N ARG B 46 24.12 14.06 10.89
CA ARG B 46 24.17 12.99 11.88
C ARG B 46 23.89 11.61 11.33
N GLU B 47 23.13 11.49 10.24
CA GLU B 47 22.74 10.18 9.74
C GLU B 47 23.35 9.92 8.36
N ALA B 48 23.39 8.65 7.97
CA ALA B 48 23.76 8.33 6.59
C ALA B 48 22.81 9.04 5.64
N LEU B 49 23.35 9.54 4.53
CA LEU B 49 22.59 10.41 3.63
C LEU B 49 22.25 9.67 2.33
N GLU B 50 20.96 9.59 2.01
CA GLU B 50 20.53 9.10 0.71
C GLU B 50 20.81 10.15 -0.38
N LEU B 51 21.03 9.66 -1.59
CA LEU B 51 21.40 10.52 -2.71
C LEU B 51 20.24 10.62 -3.70
N ARG B 52 19.74 11.85 -3.89
CA ARG B 52 18.71 12.21 -4.85
C ARG B 52 19.36 12.84 -6.09
N ASP B 53 18.55 13.11 -7.11
CA ASP B 53 19.03 13.58 -8.40
C ASP B 53 19.15 15.11 -8.49
N THR B 54 19.14 15.81 -7.36
CA THR B 54 19.31 17.26 -7.36
C THR B 54 20.58 17.66 -8.10
N ASN B 55 20.47 18.67 -8.98
CA ASN B 55 21.62 19.23 -9.69
C ASN B 55 22.35 18.17 -10.51
N THR B 56 21.55 17.36 -11.22
CA THR B 56 22.06 16.41 -12.20
C THR B 56 21.19 16.52 -13.44
N LYS B 57 21.63 15.81 -14.49
CA LYS B 57 20.85 15.69 -15.72
C LYS B 57 19.56 14.91 -15.51
N TYR B 58 19.37 14.31 -14.35
CA TYR B 58 18.16 13.57 -14.04
C TYR B 58 17.13 14.39 -13.27
N ALA B 59 17.49 15.61 -12.86
CA ALA B 59 16.71 16.33 -11.85
C ALA B 59 15.25 16.52 -12.27
N ASP B 60 15.00 16.70 -13.56
CA ASP B 60 13.64 17.00 -14.00
C ASP B 60 12.80 15.78 -14.29
N ASN B 61 13.38 14.57 -14.16
CA ASN B 61 12.62 13.34 -14.39
C ASN B 61 11.34 13.29 -13.56
N TRP B 62 11.44 13.64 -12.27
CA TRP B 62 10.33 13.45 -11.33
C TRP B 62 10.10 14.70 -10.49
N TYR B 63 8.90 14.80 -9.93
CA TYR B 63 8.53 15.94 -9.12
C TYR B 63 9.53 16.18 -7.98
N GLY B 64 9.80 17.45 -7.72
CA GLY B 64 10.69 17.83 -6.63
C GLY B 64 12.14 17.41 -6.82
N GLN B 65 12.54 17.04 -8.04
CA GLN B 65 13.90 16.53 -8.31
C GLN B 65 14.24 15.32 -7.42
N LYS B 66 13.26 14.45 -7.17
CA LYS B 66 13.42 13.37 -6.21
C LYS B 66 13.88 12.07 -6.83
N GLY B 67 14.32 12.08 -8.09
CA GLY B 67 14.83 10.88 -8.71
C GLY B 67 16.03 10.32 -7.98
N VAL B 68 16.32 9.04 -8.24
CA VAL B 68 17.45 8.37 -7.60
C VAL B 68 18.29 7.66 -8.66
N MET B 69 18.17 8.09 -9.92
CA MET B 69 18.99 7.53 -11.01
C MET B 69 20.49 7.64 -10.73
N THR B 70 20.92 8.70 -10.05
CA THR B 70 22.34 8.80 -9.75
C THR B 70 22.78 7.65 -8.86
N ALA B 71 22.01 7.38 -7.79
CA ALA B 71 22.28 6.21 -6.96
C ALA B 71 22.22 4.92 -7.77
N VAL B 72 21.24 4.81 -8.67
CA VAL B 72 21.16 3.64 -9.56
C VAL B 72 22.43 3.51 -10.39
N ASP B 73 22.89 4.62 -10.99
CA ASP B 73 24.16 4.64 -11.72
C ASP B 73 25.34 4.24 -10.82
N ASN B 74 25.33 4.68 -9.56
CA ASN B 74 26.43 4.30 -8.67
C ASN B 74 26.45 2.81 -8.41
N VAL B 75 25.27 2.18 -8.23
CA VAL B 75 25.24 0.73 -8.07
C VAL B 75 25.72 0.06 -9.35
N ASN B 76 25.14 0.45 -10.49
CA ASN B 76 25.39 -0.31 -11.70
C ASN B 76 26.80 -0.10 -12.24
N ASN B 77 27.37 1.10 -12.06
CA ASN B 77 28.67 1.45 -12.63
C ASN B 77 29.83 1.34 -11.67
N ILE B 78 29.63 1.59 -10.38
CA ILE B 78 30.72 1.64 -9.41
C ILE B 78 30.70 0.44 -8.47
N ILE B 79 29.56 0.20 -7.79
CA ILE B 79 29.56 -0.81 -6.74
C ILE B 79 29.61 -2.21 -7.35
N ALA B 80 28.86 -2.43 -8.44
CA ALA B 80 28.71 -3.78 -8.97
C ALA B 80 30.03 -4.41 -9.37
N PRO B 81 30.93 -3.75 -10.11
CA PRO B 81 32.17 -4.44 -10.49
C PRO B 81 33.11 -4.71 -9.32
N GLU B 82 33.00 -3.93 -8.22
CA GLU B 82 33.77 -4.25 -7.02
C GLU B 82 33.30 -5.54 -6.34
N ILE B 83 32.03 -5.90 -6.51
CA ILE B 83 31.34 -6.91 -5.70
C ILE B 83 31.24 -8.23 -6.46
N ILE B 84 31.16 -8.15 -7.78
CA ILE B 84 31.01 -9.36 -8.60
C ILE B 84 32.26 -10.21 -8.46
N GLY B 85 32.06 -11.51 -8.22
CA GLY B 85 33.15 -12.43 -7.97
C GLY B 85 33.47 -12.66 -6.50
N LEU B 86 32.82 -11.95 -5.58
CA LEU B 86 32.95 -12.24 -4.16
C LEU B 86 31.88 -13.24 -3.73
N CYS B 87 32.19 -14.05 -2.72
CA CYS B 87 31.23 -15.01 -2.18
C CYS B 87 30.11 -14.27 -1.46
N CYS B 88 28.85 -14.56 -1.83
CA CYS B 88 27.72 -13.80 -1.31
C CYS B 88 27.50 -14.02 0.18
N LYS B 89 27.95 -15.17 0.73
CA LYS B 89 27.73 -15.47 2.15
C LYS B 89 28.62 -14.66 3.08
N ASN B 90 29.55 -13.86 2.53
CA ASN B 90 30.46 -13.04 3.35
C ASN B 90 29.88 -11.64 3.53
N GLN B 91 28.78 -11.59 4.29
CA GLN B 91 28.04 -10.33 4.43
C GLN B 91 28.94 -9.21 4.96
N ARG B 92 29.73 -9.50 6.00
CA ARG B 92 30.54 -8.47 6.64
C ARG B 92 31.62 -7.97 5.69
N LEU B 93 32.21 -8.85 4.88
CA LEU B 93 33.20 -8.44 3.91
C LEU B 93 32.59 -7.54 2.84
N ILE B 94 31.43 -7.92 2.30
CA ILE B 94 30.77 -7.11 1.28
C ILE B 94 30.42 -5.74 1.86
N ASP B 95 29.80 -5.72 3.04
CA ASP B 95 29.44 -4.44 3.65
C ASP B 95 30.68 -3.58 3.82
N GLN B 96 31.76 -4.17 4.35
CA GLN B 96 33.00 -3.41 4.57
C GLN B 96 33.62 -2.96 3.26
N LYS B 97 33.63 -3.84 2.25
CA LYS B 97 34.06 -3.46 0.90
C LYS B 97 33.37 -2.18 0.44
N ILE B 98 32.04 -2.13 0.62
CA ILE B 98 31.23 -1.09 0.02
C ILE B 98 31.35 0.21 0.80
N ILE B 99 31.49 0.12 2.12
CA ILE B 99 31.75 1.31 2.94
C ILE B 99 33.04 1.99 2.50
N GLU B 100 34.12 1.22 2.33
CA GLU B 100 35.41 1.78 1.93
C GLU B 100 35.35 2.35 0.52
N LEU B 101 34.60 1.69 -0.37
CA LEU B 101 34.45 2.18 -1.72
C LEU B 101 33.83 3.57 -1.76
N ASP B 102 32.83 3.82 -0.90
CA ASP B 102 32.27 5.16 -0.77
C ASP B 102 33.24 6.10 -0.05
N GLY B 103 33.86 5.63 1.04
CA GLY B 103 34.94 6.35 1.68
C GLY B 103 34.53 7.56 2.49
N THR B 104 33.25 7.90 2.54
CA THR B 104 32.90 8.96 3.47
C THR B 104 32.09 8.38 4.62
N PRO B 105 32.16 8.98 5.80
CA PRO B 105 31.50 8.37 6.98
C PRO B 105 29.98 8.32 6.87
N ASN B 106 29.34 9.33 6.27
CA ASN B 106 27.90 9.35 6.14
C ASN B 106 27.41 8.81 4.80
N LYS B 107 28.28 8.13 4.04
CA LYS B 107 27.90 7.50 2.78
C LYS B 107 27.33 8.50 1.78
N GLU B 108 27.79 9.74 1.84
CA GLU B 108 27.24 10.80 1.00
C GLU B 108 27.67 10.70 -0.47
N LYS B 109 28.84 10.14 -0.75
CA LYS B 109 29.34 10.12 -2.12
C LYS B 109 28.49 9.22 -3.02
N LEU B 110 28.38 7.93 -2.68
CA LEU B 110 27.57 7.01 -3.47
C LEU B 110 26.11 6.97 -3.05
N GLY B 111 25.79 7.36 -1.82
CA GLY B 111 24.40 7.35 -1.39
C GLY B 111 24.09 6.21 -0.45
N ALA B 112 23.54 6.54 0.74
CA ALA B 112 23.09 5.51 1.66
C ALA B 112 22.06 4.60 1.02
N ASN B 113 21.26 5.13 0.08
CA ASN B 113 20.26 4.26 -0.54
C ASN B 113 20.91 3.29 -1.52
N ALA B 114 21.94 3.72 -2.25
CA ALA B 114 22.69 2.79 -3.09
C ALA B 114 23.38 1.72 -2.26
N ILE B 115 23.99 2.12 -1.15
CA ILE B 115 24.76 1.18 -0.35
C ILE B 115 23.84 0.18 0.37
N LEU B 116 22.76 0.66 1.00
CA LEU B 116 21.85 -0.27 1.67
C LEU B 116 21.18 -1.23 0.69
N GLY B 117 20.78 -0.75 -0.50
CA GLY B 117 20.16 -1.63 -1.47
C GLY B 117 21.00 -2.85 -1.76
N VAL B 118 22.29 -2.64 -2.06
CA VAL B 118 23.20 -3.74 -2.31
C VAL B 118 23.35 -4.60 -1.06
N SER B 119 23.61 -3.96 0.09
CA SER B 119 23.82 -4.68 1.33
C SER B 119 22.68 -5.67 1.60
N LEU B 120 21.44 -5.23 1.41
CA LEU B 120 20.30 -6.09 1.72
C LEU B 120 20.06 -7.13 0.63
N ALA B 121 20.22 -6.75 -0.64
CA ALA B 121 19.99 -7.72 -1.71
C ALA B 121 21.00 -8.87 -1.65
N VAL B 122 22.25 -8.55 -1.32
CA VAL B 122 23.29 -9.56 -1.13
C VAL B 122 22.88 -10.58 -0.07
N ALA B 123 22.39 -10.08 1.08
CA ALA B 123 21.98 -11.00 2.15
C ALA B 123 20.80 -11.87 1.73
N LYS B 124 19.82 -11.28 1.03
CA LYS B 124 18.68 -12.08 0.59
C LYS B 124 19.12 -13.12 -0.43
N ALA B 125 20.07 -12.78 -1.31
CA ALA B 125 20.55 -13.75 -2.28
C ALA B 125 21.21 -14.94 -1.58
N ALA B 126 21.99 -14.67 -0.54
CA ALA B 126 22.64 -15.76 0.18
C ALA B 126 21.61 -16.64 0.87
N ALA B 127 20.66 -16.03 1.57
CA ALA B 127 19.59 -16.79 2.20
C ALA B 127 18.83 -17.63 1.19
N ASN B 128 18.52 -17.03 0.02
CA ASN B 128 17.80 -17.78 -1.02
C ASN B 128 18.62 -18.96 -1.49
N GLU B 129 19.92 -18.76 -1.68
CA GLU B 129 20.80 -19.82 -2.15
C GLU B 129 20.84 -20.97 -1.17
N LEU B 130 20.92 -20.67 0.13
CA LEU B 130 20.93 -21.68 1.17
C LEU B 130 19.54 -22.19 1.51
N ARG B 131 18.51 -21.74 0.81
CA ARG B 131 17.15 -22.27 1.00
C ARG B 131 16.70 -22.14 2.44
N MET B 132 17.03 -21.00 3.05
CA MET B 132 16.76 -20.62 4.42
C MET B 132 15.93 -19.34 4.44
N PRO B 133 14.90 -19.25 5.30
CA PRO B 133 14.27 -17.94 5.51
C PRO B 133 15.32 -16.94 5.97
N LEU B 134 15.10 -15.66 5.61
CA LEU B 134 16.09 -14.64 5.87
C LEU B 134 16.38 -14.50 7.36
N PHE B 135 15.35 -14.58 8.21
CA PHE B 135 15.59 -14.46 9.64
C PHE B 135 16.50 -15.59 10.15
N ARG B 136 16.51 -16.76 9.49
CA ARG B 136 17.43 -17.81 9.90
C ARG B 136 18.86 -17.50 9.45
N TYR B 137 19.01 -16.99 8.23
CA TYR B 137 20.33 -16.60 7.75
C TYR B 137 20.91 -15.50 8.62
N LEU B 138 20.08 -14.55 9.03
CA LEU B 138 20.55 -13.43 9.82
C LEU B 138 20.80 -13.84 11.27
N GLY B 139 19.97 -14.74 11.82
CA GLY B 139 19.98 -15.00 13.24
C GLY B 139 20.54 -16.33 13.76
N GLY B 140 20.77 -17.30 12.88
CA GLY B 140 21.18 -18.64 13.32
C GLY B 140 20.00 -19.55 13.63
N THR B 141 20.27 -20.62 14.40
CA THR B 141 19.28 -21.67 14.61
C THR B 141 18.20 -21.30 15.63
N ASN B 142 18.49 -20.41 16.56
CA ASN B 142 17.58 -20.28 17.71
C ASN B 142 16.47 -19.24 17.70
N PRO B 143 16.34 -18.31 16.73
CA PRO B 143 15.27 -17.31 16.85
C PRO B 143 13.88 -17.93 16.92
N THR B 144 13.09 -17.45 17.89
CA THR B 144 11.69 -17.83 18.06
C THR B 144 10.77 -16.68 18.44
N LEU B 145 11.25 -15.48 18.73
CA LEU B 145 10.44 -14.47 19.39
C LEU B 145 9.72 -13.60 18.36
N MET B 146 8.39 -13.75 18.30
CA MET B 146 7.60 -12.85 17.48
C MET B 146 7.45 -11.51 18.20
N PRO B 147 7.63 -10.40 17.51
CA PRO B 147 7.63 -9.11 18.21
C PRO B 147 6.21 -8.61 18.48
N VAL B 148 6.09 -7.85 19.57
CA VAL B 148 4.88 -7.06 19.86
C VAL B 148 4.85 -5.89 18.88
N PRO B 149 3.79 -5.73 18.09
CA PRO B 149 3.71 -4.57 17.20
C PRO B 149 3.27 -3.30 17.92
N MET B 150 3.85 -2.16 17.48
CA MET B 150 3.35 -0.81 17.79
C MET B 150 2.56 -0.34 16.59
N LEU B 151 1.23 -0.35 16.69
CA LEU B 151 0.36 -0.03 15.55
C LEU B 151 -0.10 1.41 15.66
N ASN B 152 0.39 2.24 14.76
CA ASN B 152 -0.16 3.58 14.59
C ASN B 152 -1.68 3.53 14.41
N VAL B 153 -2.39 4.44 15.07
CA VAL B 153 -3.83 4.54 14.85
C VAL B 153 -4.28 6.00 14.69
N ILE B 154 -3.64 6.92 15.43
CA ILE B 154 -4.05 8.32 15.47
C ILE B 154 -2.82 9.20 15.27
N ASN B 155 -2.96 10.22 14.41
CA ASN B 155 -1.83 11.02 13.96
C ASN B 155 -2.07 12.50 14.20
N GLY B 156 -1.01 13.19 14.62
CA GLY B 156 -1.01 14.61 14.89
C GLY B 156 0.18 15.28 14.22
N GLY B 157 0.64 16.35 14.84
CA GLY B 157 1.82 17.04 14.36
C GLY B 157 1.50 18.08 13.30
N GLU B 158 2.59 18.65 12.77
CA GLU B 158 2.49 19.85 11.94
C GLU B 158 1.60 19.65 10.71
N HIS B 159 1.74 18.50 10.03
CA HIS B 159 1.05 18.25 8.77
C HIS B 159 -0.39 17.75 8.94
N ALA B 160 -0.83 17.51 10.16
CA ALA B 160 -2.20 17.08 10.43
C ALA B 160 -3.04 18.29 10.84
N SER B 161 -4.19 18.45 10.22
CA SER B 161 -5.02 19.62 10.45
C SER B 161 -5.76 19.61 11.80
N ASN B 162 -5.63 18.56 12.61
CA ASN B 162 -6.31 18.52 13.89
C ASN B 162 -5.51 19.29 14.95
N THR B 163 -5.90 19.21 16.22
CA THR B 163 -5.28 19.99 17.27
C THR B 163 -4.41 19.12 18.18
N LEU B 164 -3.78 18.09 17.61
CA LEU B 164 -2.83 17.26 18.34
C LEU B 164 -1.43 17.69 17.94
N ASP B 165 -0.64 18.13 18.93
CA ASP B 165 0.72 18.51 18.66
C ASP B 165 1.67 17.32 18.76
N PHE B 166 1.33 16.33 19.57
CA PHE B 166 2.02 15.05 19.54
C PHE B 166 1.90 14.40 18.17
N GLN B 167 2.93 13.65 17.78
CA GLN B 167 3.01 13.16 16.41
C GLN B 167 2.09 11.96 16.16
N GLU B 168 2.15 10.94 17.01
CA GLU B 168 1.33 9.77 16.73
C GLU B 168 0.99 9.00 18.00
N PHE B 169 -0.17 8.35 17.98
CA PHE B 169 -0.62 7.47 19.05
C PHE B 169 -0.70 6.05 18.50
N MET B 170 -0.23 5.07 19.29
CA MET B 170 -0.17 3.68 18.89
C MET B 170 -0.86 2.79 19.94
N ILE B 171 -1.38 1.63 19.49
CA ILE B 171 -1.82 0.56 20.39
C ILE B 171 -0.78 -0.55 20.35
N MET B 172 -0.64 -1.26 21.46
CA MET B 172 0.27 -2.41 21.56
C MET B 172 -0.49 -3.56 22.16
N PRO B 173 -0.78 -4.63 21.40
CA PRO B 173 -1.54 -5.77 21.93
C PRO B 173 -0.65 -6.70 22.75
N LEU B 174 -0.84 -6.67 24.06
CA LEU B 174 0.06 -7.36 24.99
C LEU B 174 -0.47 -8.70 25.46
N GLY B 175 -1.68 -8.75 26.01
CA GLY B 175 -2.10 -9.96 26.71
C GLY B 175 -2.66 -11.07 25.84
N PHE B 176 -1.83 -11.61 24.94
CA PHE B 176 -2.27 -12.65 24.03
C PHE B 176 -1.20 -13.71 23.93
N ARG B 177 -1.62 -14.93 23.59
CA ARG B 177 -0.74 -16.10 23.67
C ARG B 177 0.09 -16.30 22.40
N THR B 178 -0.37 -15.80 21.26
CA THR B 178 0.31 -15.98 19.98
C THR B 178 0.34 -14.65 19.25
N PHE B 179 1.24 -14.55 18.25
CA PHE B 179 1.23 -13.38 17.38
C PHE B 179 -0.06 -13.28 16.58
N LYS B 180 -0.54 -14.40 16.06
CA LYS B 180 -1.79 -14.36 15.30
C LYS B 180 -2.91 -13.70 16.12
N GLU B 181 -3.04 -14.09 17.38
CA GLU B 181 -4.10 -13.53 18.22
C GLU B 181 -3.87 -12.07 18.54
N ALA B 182 -2.61 -11.68 18.71
CA ALA B 182 -2.29 -10.27 18.94
C ALA B 182 -2.65 -9.45 17.71
N LEU B 183 -2.38 -9.97 16.52
CA LEU B 183 -2.72 -9.24 15.30
C LEU B 183 -4.23 -9.18 15.11
N GLN B 184 -4.93 -10.28 15.42
CA GLN B 184 -6.40 -10.28 15.38
C GLN B 184 -6.97 -9.22 16.31
N ALA B 185 -6.43 -9.11 17.53
CA ALA B 185 -6.89 -8.07 18.44
C ALA B 185 -6.67 -6.69 17.84
N ALA B 186 -5.47 -6.44 17.30
CA ALA B 186 -5.19 -5.17 16.62
C ALA B 186 -6.17 -4.93 15.47
N ASN B 187 -6.50 -5.98 14.72
CA ASN B 187 -7.48 -5.81 13.64
C ASN B 187 -8.83 -5.41 14.19
N LYS B 188 -9.20 -5.94 15.36
CA LYS B 188 -10.50 -5.59 15.94
C LYS B 188 -10.48 -4.15 16.47
N VAL B 189 -9.39 -3.73 17.13
CA VAL B 189 -9.34 -2.35 17.65
C VAL B 189 -9.35 -1.36 16.49
N PHE B 190 -8.61 -1.66 15.42
CA PHE B 190 -8.50 -0.73 14.29
C PHE B 190 -9.84 -0.51 13.62
N HIS B 191 -10.57 -1.59 13.35
CA HIS B 191 -11.84 -1.46 12.64
C HIS B 191 -12.93 -0.88 13.55
N ASN B 192 -12.95 -1.26 14.83
CA ASN B 192 -13.85 -0.64 15.79
C ASN B 192 -13.52 0.83 15.98
N LEU B 193 -12.22 1.18 16.01
CA LEU B 193 -11.84 2.59 16.05
C LEU B 193 -12.43 3.35 14.86
N ALA B 194 -12.29 2.81 13.65
CA ALA B 194 -12.87 3.46 12.48
C ALA B 194 -14.38 3.59 12.60
N LYS B 195 -15.05 2.56 13.08
CA LYS B 195 -16.51 2.62 13.24
C LYS B 195 -16.92 3.72 14.22
N LEU B 196 -16.19 3.85 15.34
CA LEU B 196 -16.53 4.89 16.31
C LEU B 196 -16.28 6.29 15.75
N LEU B 197 -15.18 6.45 15.01
CA LEU B 197 -14.87 7.75 14.41
C LEU B 197 -15.94 8.17 13.42
N LYS B 198 -16.41 7.23 12.59
CA LYS B 198 -17.51 7.54 11.69
C LYS B 198 -18.77 7.88 12.48
N LYS B 199 -19.03 7.17 13.57
CA LYS B 199 -20.23 7.42 14.35
C LYS B 199 -20.24 8.83 14.95
N SER B 200 -19.06 9.38 15.25
CA SER B 200 -18.98 10.72 15.81
C SER B 200 -18.67 11.77 14.76
N GLY B 201 -18.75 11.42 13.49
CA GLY B 201 -18.59 12.42 12.45
C GLY B 201 -17.17 12.81 12.11
N PHE B 202 -16.17 12.00 12.46
CA PHE B 202 -14.78 12.29 12.11
C PHE B 202 -14.43 11.66 10.77
N GLU B 203 -13.34 12.15 10.18
CA GLU B 203 -12.86 11.62 8.93
C GLU B 203 -12.08 10.33 9.15
N THR B 204 -12.17 9.45 8.17
CA THR B 204 -11.58 8.13 8.28
C THR B 204 -10.58 7.85 7.17
N GLN B 205 -10.23 8.84 6.37
CA GLN B 205 -9.11 8.74 5.46
C GLN B 205 -7.80 8.55 6.23
N VAL B 206 -6.76 8.11 5.54
CA VAL B 206 -5.51 7.73 6.22
C VAL B 206 -4.33 8.53 5.68
N GLY B 207 -3.27 8.58 6.49
CA GLY B 207 -2.00 9.18 6.13
C GLY B 207 -0.98 8.15 5.69
N ASP B 208 0.30 8.56 5.72
CA ASP B 208 1.39 7.79 5.14
C ASP B 208 1.55 6.41 5.78
N GLU B 209 1.19 6.25 7.06
CA GLU B 209 1.29 4.95 7.73
C GLU B 209 -0.03 4.20 7.80
N GLY B 210 -1.04 4.64 7.05
CA GLY B 210 -2.34 3.97 7.06
C GLY B 210 -3.15 4.12 8.33
N GLY B 211 -2.78 5.06 9.20
CA GLY B 211 -3.58 5.41 10.36
C GLY B 211 -4.44 6.64 10.08
N PHE B 212 -5.17 7.07 11.12
CA PHE B 212 -6.14 8.14 11.02
C PHE B 212 -5.59 9.44 11.59
N ALA B 213 -6.11 10.55 11.08
CA ALA B 213 -5.85 11.88 11.66
C ALA B 213 -7.17 12.63 11.75
N PRO B 214 -8.05 12.21 12.67
CA PRO B 214 -9.34 12.88 12.82
C PRO B 214 -9.16 14.20 13.57
N ASN B 215 -10.21 15.03 13.53
CA ASN B 215 -10.17 16.40 14.06
C ASN B 215 -10.37 16.44 15.58
N PHE B 216 -9.49 15.77 16.31
CA PHE B 216 -9.53 15.84 17.77
C PHE B 216 -9.06 17.21 18.26
N ASN B 217 -9.61 17.65 19.40
CA ASN B 217 -9.30 18.95 19.97
C ASN B 217 -8.10 18.95 20.90
N SER B 218 -7.71 17.80 21.41
CA SER B 218 -6.62 17.75 22.38
C SER B 218 -6.12 16.31 22.51
N HIS B 219 -4.90 16.18 23.02
CA HIS B 219 -4.35 14.87 23.36
C HIS B 219 -5.29 14.07 24.22
N GLU B 220 -5.91 14.72 25.20
CA GLU B 220 -6.75 14.00 26.14
C GLU B 220 -7.96 13.40 25.44
N GLN B 221 -8.58 14.17 24.53
CA GLN B 221 -9.70 13.63 23.77
C GLN B 221 -9.28 12.42 22.94
N ALA B 222 -8.11 12.49 22.29
CA ALA B 222 -7.65 11.36 21.50
C ALA B 222 -7.43 10.14 22.39
N LEU B 223 -6.72 10.32 23.51
CA LEU B 223 -6.47 9.21 24.41
C LEU B 223 -7.78 8.63 24.96
N ASP B 224 -8.75 9.49 25.29
CA ASP B 224 -10.08 9.02 25.69
C ASP B 224 -10.73 8.18 24.60
N PHE B 225 -10.71 8.69 23.36
CA PHE B 225 -11.31 7.97 22.25
C PHE B 225 -10.64 6.59 22.08
N LEU B 226 -9.31 6.55 22.21
CA LEU B 226 -8.57 5.33 22.00
C LEU B 226 -8.88 4.29 23.08
N VAL B 227 -8.94 4.74 24.33
CA VAL B 227 -9.30 3.84 25.42
C VAL B 227 -10.67 3.24 25.17
N ASP B 228 -11.62 4.07 24.75
CA ASP B 228 -12.98 3.57 24.53
C ASP B 228 -13.03 2.54 23.40
N ALA B 229 -12.28 2.76 22.32
CA ALA B 229 -12.28 1.81 21.21
C ALA B 229 -11.70 0.47 21.64
N ILE B 230 -10.68 0.48 22.51
CA ILE B 230 -10.12 -0.77 23.02
C ILE B 230 -11.15 -1.53 23.83
N LYS B 231 -11.92 -0.80 24.65
CA LYS B 231 -12.99 -1.42 25.42
C LYS B 231 -14.11 -1.93 24.52
N GLU B 232 -14.52 -1.14 23.52
CA GLU B 232 -15.56 -1.58 22.59
C GLU B 232 -15.21 -2.89 21.88
N SER B 233 -13.93 -3.09 21.56
CA SER B 233 -13.48 -4.30 20.87
C SER B 233 -13.43 -5.54 21.77
N GLY B 234 -13.65 -5.39 23.07
CA GLY B 234 -13.62 -6.50 24.00
C GLY B 234 -12.32 -6.68 24.78
N PHE B 235 -11.45 -5.67 24.81
CA PHE B 235 -10.14 -5.81 25.46
C PHE B 235 -9.99 -4.83 26.62
N ASN B 236 -8.90 -4.97 27.36
CA ASN B 236 -8.71 -4.19 28.58
C ASN B 236 -7.54 -3.22 28.41
N PRO B 237 -7.78 -1.91 28.47
CA PRO B 237 -6.67 -0.94 28.46
C PRO B 237 -5.82 -1.14 29.71
N GLY B 238 -4.53 -1.38 29.50
CA GLY B 238 -3.64 -1.71 30.60
C GLY B 238 -2.43 -2.47 30.10
N PHE B 239 -1.63 -2.90 31.07
CA PHE B 239 -0.36 -3.58 30.83
C PHE B 239 -0.44 -5.08 31.09
N LYS B 240 -0.94 -5.46 32.25
CA LYS B 240 -0.92 -6.85 32.72
C LYS B 240 -2.28 -7.50 32.51
N GLY B 241 -2.28 -8.84 32.57
CA GLY B 241 -3.49 -9.63 32.43
C GLY B 241 -3.79 -9.99 30.97
N GLU B 242 -4.76 -10.90 30.80
CA GLU B 242 -5.15 -11.30 29.46
C GLU B 242 -5.96 -10.18 28.79
N ASN B 243 -5.90 -10.15 27.46
CA ASN B 243 -6.55 -9.15 26.61
C ASN B 243 -6.07 -7.73 26.87
N ALA B 244 -4.96 -7.56 27.59
CA ALA B 244 -4.44 -6.24 27.84
C ALA B 244 -3.92 -5.64 26.54
N VAL B 245 -4.30 -4.39 26.28
CA VAL B 245 -3.79 -3.62 25.16
C VAL B 245 -3.31 -2.29 25.69
N ALA B 246 -2.04 -1.96 25.44
CA ALA B 246 -1.44 -0.73 25.92
C ALA B 246 -1.41 0.34 24.83
N ILE B 247 -0.98 1.53 25.21
CA ILE B 247 -0.81 2.64 24.30
C ILE B 247 0.65 3.05 24.32
N ALA B 248 1.15 3.52 23.16
CA ALA B 248 2.47 4.12 23.08
C ALA B 248 2.35 5.43 22.32
N ILE B 249 3.19 6.39 22.67
CA ILE B 249 3.12 7.72 22.08
C ILE B 249 4.46 8.05 21.44
N ASP B 250 4.41 8.71 20.28
CA ASP B 250 5.58 9.37 19.69
C ASP B 250 5.31 10.88 19.72
N ALA B 251 5.95 11.57 20.66
CA ALA B 251 5.70 12.99 20.82
C ALA B 251 6.38 13.83 19.73
N ALA B 252 7.50 13.33 19.19
CA ALA B 252 8.37 14.08 18.28
C ALA B 252 8.61 15.50 18.80
N ALA B 253 9.13 15.57 20.02
CA ALA B 253 9.17 16.85 20.75
C ALA B 253 10.17 17.86 20.16
N SER B 254 11.13 17.44 19.33
CA SER B 254 11.97 18.42 18.65
C SER B 254 11.13 19.40 17.82
N GLU B 255 9.94 18.98 17.38
CA GLU B 255 9.16 19.79 16.46
C GLU B 255 8.47 20.96 17.15
N PHE B 256 8.21 20.88 18.45
CA PHE B 256 7.55 21.99 19.14
C PHE B 256 8.43 22.60 20.24
N TYR B 257 9.75 22.58 20.01
CA TYR B 257 10.73 23.13 20.93
C TYR B 257 11.40 24.34 20.29
N ASN B 258 11.47 25.46 21.00
CA ASN B 258 12.08 26.68 20.49
C ASN B 258 13.49 26.92 21.01
N GLY B 259 14.13 25.91 21.60
CA GLY B 259 15.41 26.09 22.25
C GLY B 259 15.35 26.38 23.73
N GLN B 260 14.20 26.86 24.23
CA GLN B 260 14.06 27.18 25.65
C GLN B 260 12.76 26.63 26.22
N LYS B 261 11.70 26.54 25.41
CA LYS B 261 10.41 26.07 25.88
C LYS B 261 9.76 25.16 24.84
N TYR B 262 8.87 24.31 25.32
CA TYR B 262 8.02 23.51 24.45
C TYR B 262 6.67 24.20 24.30
N VAL B 263 6.20 24.35 23.07
CA VAL B 263 4.94 25.02 22.80
C VAL B 263 4.03 24.09 22.01
N PHE B 264 2.90 23.71 22.62
CA PHE B 264 1.81 23.05 21.88
C PHE B 264 1.18 24.09 20.96
N LYS B 265 1.77 24.25 19.77
CA LYS B 265 1.44 25.40 18.93
C LYS B 265 0.01 25.31 18.40
N LYS B 266 -0.45 24.13 17.98
CA LYS B 266 -1.79 24.05 17.42
C LYS B 266 -2.85 24.22 18.51
N LEU B 267 -2.61 23.63 19.68
CA LEU B 267 -3.52 23.87 20.80
C LEU B 267 -3.59 25.35 21.15
N LYS B 268 -2.44 26.03 21.15
CA LYS B 268 -2.41 27.46 21.47
C LYS B 268 -3.17 28.27 20.44
N ALA B 269 -2.94 27.99 19.15
CA ALA B 269 -3.66 28.70 18.10
C ALA B 269 -5.16 28.46 18.17
N ALA B 270 -5.57 27.26 18.60
CA ALA B 270 -6.99 26.93 18.65
C ALA B 270 -7.75 27.78 19.66
N SER B 271 -7.06 28.11 20.75
CA SER B 271 -7.64 28.92 21.80
C SER B 271 -7.57 30.41 21.50
N LEU B 272 -7.96 30.79 20.29
CA LEU B 272 -7.97 32.17 19.89
C LEU B 272 -9.29 32.49 19.19
N LYS B 282 -2.89 24.94 29.20
CA LYS B 282 -1.46 25.17 29.22
C LYS B 282 -0.84 24.82 27.87
N PHE B 283 -0.17 25.80 27.26
CA PHE B 283 0.49 25.62 25.97
C PHE B 283 2.00 25.60 26.04
N GLU B 284 2.59 26.29 27.01
CA GLU B 284 4.03 26.43 27.15
C GLU B 284 4.52 25.60 28.32
N PHE B 285 5.67 24.95 28.13
CA PHE B 285 6.27 24.10 29.14
C PHE B 285 7.78 24.29 29.04
N ASN B 286 8.43 24.50 30.19
CA ASN B 286 9.86 24.21 30.24
C ASN B 286 10.03 22.71 30.41
N SER B 287 11.29 22.25 30.42
CA SER B 287 11.55 20.82 30.49
C SER B 287 10.88 20.17 31.70
N GLU B 288 10.95 20.81 32.87
CA GLU B 288 10.39 20.20 34.07
C GLU B 288 8.86 20.16 34.00
N GLU B 289 8.25 21.19 33.41
CA GLU B 289 6.79 21.20 33.27
C GLU B 289 6.33 20.17 32.25
N LEU B 290 7.09 19.99 31.17
CA LEU B 290 6.76 18.94 30.20
C LEU B 290 6.83 17.57 30.85
N LEU B 291 7.93 17.30 31.56
CA LEU B 291 8.01 16.08 32.36
C LEU B 291 6.82 15.91 33.27
N ASN B 292 6.25 17.03 33.76
CA ASN B 292 5.09 16.92 34.65
C ASN B 292 3.85 16.52 33.89
N TYR B 293 3.62 17.11 32.71
CA TYR B 293 2.50 16.73 31.86
C TYR B 293 2.53 15.23 31.55
N TYR B 294 3.71 14.67 31.28
CA TYR B 294 3.77 13.24 30.95
C TYR B 294 3.27 12.40 32.09
N GLY B 295 3.75 12.66 33.31
CA GLY B 295 3.30 11.90 34.46
C GLY B 295 1.80 12.00 34.70
N GLN B 296 1.19 13.12 34.31
CA GLN B 296 -0.26 13.21 34.32
C GLN B 296 -0.88 12.22 33.36
N LEU B 297 -0.44 12.24 32.09
CA LEU B 297 -0.91 11.26 31.11
C LEU B 297 -0.60 9.84 31.56
N LEU B 298 0.63 9.61 32.06
CA LEU B 298 1.01 8.27 32.48
C LEU B 298 0.14 7.75 33.62
N ALA B 299 -0.34 8.66 34.48
CA ALA B 299 -1.21 8.26 35.58
C ALA B 299 -2.63 7.94 35.07
N LYS B 300 -3.14 8.71 34.11
CA LYS B 300 -4.52 8.54 33.71
C LYS B 300 -4.71 7.42 32.69
N TYR B 301 -3.82 7.31 31.71
CA TYR B 301 -3.97 6.40 30.58
C TYR B 301 -2.89 5.33 30.57
N PRO B 302 -3.15 4.17 29.95
CA PRO B 302 -2.19 3.04 30.02
C PRO B 302 -1.07 3.14 28.98
N ILE B 303 -0.25 4.17 29.11
CA ILE B 303 0.81 4.44 28.15
C ILE B 303 2.08 3.73 28.63
N ILE B 304 2.49 2.71 27.87
CA ILE B 304 3.66 1.91 28.22
C ILE B 304 4.96 2.48 27.66
N SER B 305 4.88 3.40 26.71
CA SER B 305 6.08 3.77 25.97
C SER B 305 5.90 5.16 25.38
N ILE B 306 6.90 6.02 25.58
CA ILE B 306 6.93 7.36 25.02
C ILE B 306 8.21 7.54 24.23
N GLU B 307 8.08 7.93 22.96
CA GLU B 307 9.20 8.13 22.05
C GLU B 307 9.40 9.62 21.80
N ASP B 308 10.67 10.04 21.78
CA ASP B 308 11.05 11.45 21.58
C ASP B 308 10.23 12.36 22.48
N GLY B 309 10.12 11.99 23.75
CA GLY B 309 9.37 12.80 24.70
C GLY B 309 9.95 14.19 24.87
N PHE B 310 11.25 14.35 24.63
CA PHE B 310 11.92 15.65 24.71
C PHE B 310 12.68 15.89 23.42
N ALA B 311 13.21 17.10 23.27
CA ALA B 311 13.84 17.52 22.02
C ALA B 311 15.24 16.92 21.89
N GLU B 312 15.69 16.79 20.64
CA GLU B 312 17.00 16.22 20.37
C GLU B 312 18.11 17.02 21.03
N SER B 313 17.92 18.32 21.22
CA SER B 313 18.92 19.16 21.87
C SER B 313 18.69 19.31 23.37
N ASP B 314 17.65 18.68 23.91
CA ASP B 314 17.34 18.74 25.33
C ASP B 314 17.67 17.40 25.98
N TRP B 315 18.97 17.10 26.03
CA TRP B 315 19.44 15.89 26.70
C TRP B 315 19.15 15.90 28.20
N GLN B 316 19.15 17.09 28.83
CA GLN B 316 18.87 17.12 30.26
C GLN B 316 17.42 16.74 30.52
N GLY B 317 16.51 17.15 29.63
CA GLY B 317 15.13 16.69 29.75
C GLY B 317 15.00 15.18 29.63
N PHE B 318 15.74 14.59 28.68
CA PHE B 318 15.72 13.13 28.51
C PHE B 318 16.23 12.43 29.78
N ILE B 319 17.40 12.85 30.29
CA ILE B 319 18.01 12.18 31.43
C ILE B 319 17.08 12.21 32.64
N ALA B 320 16.42 13.34 32.87
CA ALA B 320 15.47 13.45 33.97
C ALA B 320 14.20 12.65 33.69
N PHE B 321 13.72 12.64 32.44
CA PHE B 321 12.62 11.75 32.05
C PHE B 321 12.94 10.30 32.41
N ASN B 322 14.08 9.81 31.94
CA ASN B 322 14.44 8.41 32.16
C ASN B 322 14.58 8.10 33.65
N GLN B 323 15.04 9.07 34.44
CA GLN B 323 15.27 8.77 35.85
C GLN B 323 13.98 8.79 36.65
N LYS B 324 12.97 9.54 36.20
CA LYS B 324 11.71 9.68 36.94
C LYS B 324 10.66 8.63 36.55
N TYR B 325 10.62 8.19 35.28
CA TYR B 325 9.64 7.19 34.88
C TYR B 325 10.25 6.00 34.15
N GLY B 326 11.57 6.00 33.90
CA GLY B 326 12.19 4.95 33.11
C GLY B 326 12.22 3.58 33.76
N ASN B 327 11.99 3.51 35.07
CA ASN B 327 11.89 2.19 35.69
C ASN B 327 10.62 1.46 35.28
N ASN B 328 9.56 2.21 34.97
CA ASN B 328 8.24 1.63 34.72
C ASN B 328 7.69 1.89 33.33
N HIS B 329 8.35 2.71 32.51
CA HIS B 329 7.86 3.00 31.17
C HIS B 329 9.02 3.00 30.20
N GLN B 330 8.72 2.67 28.94
CA GLN B 330 9.73 2.69 27.89
C GLN B 330 9.96 4.13 27.43
N ILE B 331 11.24 4.53 27.36
CA ILE B 331 11.67 5.86 26.91
C ILE B 331 12.51 5.68 25.64
N VAL B 332 11.94 6.01 24.49
CA VAL B 332 12.51 5.67 23.18
C VAL B 332 13.15 6.92 22.58
N GLY B 333 14.36 6.76 22.07
CA GLY B 333 15.01 7.80 21.28
C GLY B 333 14.88 7.49 19.80
N ASP B 334 14.57 8.52 19.01
CA ASP B 334 14.52 8.41 17.57
C ASP B 334 15.29 9.56 16.92
N ASP B 335 14.69 10.76 16.92
CA ASP B 335 15.43 11.95 16.52
C ASP B 335 16.66 12.18 17.40
N LEU B 336 16.63 11.67 18.63
CA LEU B 336 17.76 11.83 19.52
C LEU B 336 19.00 11.07 19.04
N THR B 337 18.79 9.87 18.46
CA THR B 337 19.89 8.94 18.21
C THR B 337 20.10 8.59 16.74
N VAL B 338 19.09 8.75 15.88
CA VAL B 338 19.12 8.43 14.44
C VAL B 338 19.99 7.21 14.11
N THR B 339 19.84 6.13 14.89
CA THR B 339 20.57 4.89 14.66
C THR B 339 22.08 5.13 14.50
N ASN B 340 22.59 6.10 15.24
CA ASN B 340 24.01 6.46 15.22
C ASN B 340 24.70 5.82 16.41
N VAL B 341 25.62 4.90 16.13
CA VAL B 341 26.27 4.13 17.18
C VAL B 341 27.00 5.03 18.19
N GLU B 342 27.65 6.10 17.71
CA GLU B 342 28.37 6.99 18.61
C GLU B 342 27.42 7.79 19.50
N ILE B 343 26.31 8.29 18.94
CA ILE B 343 25.30 8.92 19.77
C ILE B 343 24.68 7.90 20.72
N LEU B 344 24.52 6.66 20.26
CA LEU B 344 23.94 5.63 21.13
C LEU B 344 24.82 5.40 22.35
N LYS B 345 26.14 5.33 22.15
CA LYS B 345 27.08 5.17 23.27
C LYS B 345 26.90 6.28 24.30
N LYS B 346 26.66 7.52 23.85
CA LYS B 346 26.45 8.63 24.79
C LYS B 346 25.10 8.51 25.50
N ALA B 347 24.06 8.07 24.78
CA ALA B 347 22.76 7.85 25.41
C ALA B 347 22.83 6.74 26.45
N ILE B 348 23.65 5.71 26.19
CA ILE B 348 23.87 4.66 27.18
C ILE B 348 24.64 5.21 28.37
N ASN B 349 25.75 5.91 28.09
CA ASN B 349 26.60 6.42 29.16
C ASN B 349 25.85 7.43 30.06
N LEU B 350 24.96 8.23 29.49
CA LEU B 350 24.28 9.28 30.24
C LEU B 350 22.89 8.87 30.72
N LYS B 351 22.50 7.62 30.51
CA LYS B 351 21.21 7.10 30.98
C LYS B 351 20.05 7.97 30.49
N ALA B 352 20.09 8.34 29.21
CA ALA B 352 19.06 9.21 28.66
C ALA B 352 17.81 8.48 28.19
N ILE B 353 17.93 7.19 27.82
CA ILE B 353 16.81 6.43 27.26
C ILE B 353 16.98 4.98 27.69
N ASN B 354 15.90 4.19 27.57
CA ASN B 354 16.03 2.75 27.73
C ASN B 354 15.60 1.99 26.49
N SER B 355 15.55 2.66 25.34
CA SER B 355 15.09 2.04 24.11
C SER B 355 15.44 2.94 22.93
N ILE B 356 15.63 2.34 21.74
CA ILE B 356 16.03 3.08 20.55
C ILE B 356 15.34 2.50 19.30
N LEU B 357 14.84 3.39 18.43
CA LEU B 357 14.39 2.98 17.11
C LEU B 357 15.57 2.60 16.24
N ILE B 358 15.40 1.55 15.45
CA ILE B 358 16.43 1.09 14.51
C ILE B 358 15.92 1.26 13.09
N LYS B 359 16.59 2.12 12.31
CA LYS B 359 16.19 2.38 10.92
C LYS B 359 17.36 2.02 10.02
N LEU B 360 17.25 0.89 9.32
CA LEU B 360 18.35 0.36 8.51
C LEU B 360 19.00 1.43 7.64
N ASN B 361 18.19 2.30 7.03
CA ASN B 361 18.72 3.23 6.05
C ASN B 361 19.23 4.53 6.68
N GLN B 362 19.15 4.65 8.01
CA GLN B 362 19.82 5.76 8.70
C GLN B 362 21.29 5.47 8.96
N ILE B 363 21.71 4.22 8.91
CA ILE B 363 23.08 3.85 9.18
C ILE B 363 23.78 3.33 7.93
N GLY B 364 23.08 2.54 7.10
CA GLY B 364 23.45 2.36 5.70
C GLY B 364 23.73 0.93 5.28
N THR B 365 24.12 0.05 6.21
CA THR B 365 24.33 -1.35 5.86
C THR B 365 23.70 -2.25 6.91
N LEU B 366 23.58 -3.52 6.52
CA LEU B 366 23.01 -4.52 7.42
C LEU B 366 23.97 -4.86 8.56
N SER B 367 25.27 -5.01 8.25
CA SER B 367 26.24 -5.35 9.30
C SER B 367 26.33 -4.25 10.36
N GLU B 368 26.39 -2.99 9.93
CA GLU B 368 26.37 -1.90 10.89
C GLU B 368 25.08 -1.90 11.72
N THR B 369 23.94 -2.14 11.08
CA THR B 369 22.68 -2.21 11.82
C THR B 369 22.73 -3.31 12.87
N LEU B 370 23.25 -4.48 12.51
CA LEU B 370 23.35 -5.56 13.49
C LEU B 370 24.32 -5.19 14.62
N ASP B 371 25.41 -4.47 14.29
CA ASP B 371 26.32 -3.98 15.32
C ASP B 371 25.58 -3.03 16.26
N ALA B 372 24.71 -2.16 15.71
CA ALA B 372 24.00 -1.19 16.54
C ALA B 372 22.94 -1.88 17.41
N ILE B 373 22.20 -2.82 16.83
CA ILE B 373 21.23 -3.59 17.59
C ILE B 373 21.91 -4.30 18.77
N HIS B 374 23.02 -4.98 18.48
CA HIS B 374 23.73 -5.72 19.52
C HIS B 374 24.26 -4.81 20.63
N LEU B 375 24.74 -3.62 20.27
CA LEU B 375 25.18 -2.67 21.30
C LEU B 375 24.03 -2.26 22.20
N ALA B 376 22.86 -1.96 21.60
CA ALA B 376 21.72 -1.53 22.39
C ALA B 376 21.26 -2.61 23.35
N GLN B 377 21.19 -3.86 22.88
CA GLN B 377 20.67 -4.97 23.70
C GLN B 377 21.65 -5.35 24.80
N LYS B 378 22.95 -5.38 24.47
CA LYS B 378 23.98 -5.70 25.46
C LYS B 378 23.89 -4.76 26.66
N SER B 379 23.46 -3.53 26.42
CA SER B 379 23.41 -2.48 27.43
C SER B 379 22.06 -2.40 28.11
N GLY B 380 21.16 -3.31 27.83
CA GLY B 380 19.89 -3.39 28.53
C GLY B 380 18.77 -2.57 27.92
N MET B 381 18.96 -2.03 26.71
CA MET B 381 17.89 -1.33 26.04
C MET B 381 17.19 -2.27 25.05
N THR B 382 15.96 -1.91 24.69
CA THR B 382 15.28 -2.58 23.60
C THR B 382 15.56 -1.86 22.29
N ALA B 383 15.65 -2.63 21.21
CA ALA B 383 15.89 -2.16 19.86
C ALA B 383 14.61 -2.35 19.06
N VAL B 384 13.83 -1.28 18.89
CA VAL B 384 12.56 -1.33 18.17
C VAL B 384 12.82 -1.14 16.67
N ILE B 385 12.63 -2.20 15.89
CA ILE B 385 12.85 -2.12 14.45
C ILE B 385 11.75 -1.29 13.81
N SER B 386 12.13 -0.25 13.07
CA SER B 386 11.19 0.74 12.61
C SER B 386 11.14 0.78 11.08
N HIS B 387 9.96 1.12 10.55
CA HIS B 387 9.72 1.46 9.16
C HIS B 387 10.10 2.93 8.91
N ARG B 388 9.92 3.37 7.66
CA ARG B 388 10.04 4.77 7.27
C ARG B 388 8.70 5.25 6.72
N SER B 389 8.61 6.56 6.48
CA SER B 389 7.42 7.14 5.86
C SER B 389 7.19 6.60 4.46
N GLY B 390 8.24 6.61 3.64
CA GLY B 390 8.17 6.09 2.28
C GLY B 390 8.61 4.64 2.28
N GLU B 391 7.71 3.72 1.95
CA GLU B 391 7.98 2.30 2.11
C GLU B 391 7.59 1.50 0.87
N SER B 392 7.64 0.18 0.98
CA SER B 392 7.37 -0.69 -0.15
C SER B 392 6.96 -2.05 0.39
N GLU B 393 6.81 -3.02 -0.51
CA GLU B 393 6.42 -4.35 -0.07
C GLU B 393 7.61 -5.14 0.46
N ASP B 394 8.79 -4.54 0.48
CA ASP B 394 9.93 -5.14 1.12
C ASP B 394 9.63 -5.40 2.59
N THR B 395 9.95 -6.59 3.09
CA THR B 395 9.60 -6.93 4.46
C THR B 395 10.82 -7.31 5.29
N THR B 396 12.00 -6.84 4.89
CA THR B 396 13.24 -7.09 5.61
C THR B 396 13.08 -6.92 7.12
N ILE B 397 12.44 -5.83 7.54
CA ILE B 397 12.42 -5.50 8.96
C ILE B 397 11.62 -6.51 9.77
N ALA B 398 10.72 -7.27 9.13
CA ALA B 398 10.05 -8.34 9.86
C ALA B 398 11.03 -9.47 10.16
N ASP B 399 11.81 -9.88 9.16
CA ASP B 399 12.82 -10.90 9.40
C ASP B 399 13.90 -10.39 10.34
N LEU B 400 14.23 -9.09 10.28
CA LEU B 400 15.24 -8.54 11.17
C LEU B 400 14.78 -8.57 12.61
N ALA B 401 13.52 -8.18 12.88
CA ALA B 401 13.03 -8.17 14.26
C ALA B 401 13.04 -9.56 14.89
N VAL B 402 12.69 -10.60 14.12
CA VAL B 402 12.76 -11.97 14.65
C VAL B 402 14.22 -12.43 14.76
N ALA B 403 15.04 -12.11 13.76
CA ALA B 403 16.44 -12.57 13.78
C ALA B 403 17.17 -12.13 15.05
N VAL B 404 16.92 -10.91 15.53
CA VAL B 404 17.67 -10.33 16.63
C VAL B 404 16.90 -10.38 17.94
N SER B 405 15.74 -11.05 17.97
CA SER B 405 14.83 -11.07 19.12
C SER B 405 14.55 -9.67 19.65
N SER B 406 14.17 -8.76 18.75
CA SER B 406 13.90 -7.40 19.22
C SER B 406 12.77 -7.39 20.23
N GLY B 407 11.75 -8.22 20.02
CA GLY B 407 10.54 -8.19 20.82
C GLY B 407 9.58 -7.08 20.49
N GLN B 408 10.00 -6.10 19.67
CA GLN B 408 9.12 -5.01 19.30
C GLN B 408 9.40 -4.55 17.87
N ILE B 409 8.33 -4.24 17.15
CA ILE B 409 8.41 -3.72 15.80
C ILE B 409 7.44 -2.54 15.70
N LYS B 410 7.79 -1.59 14.84
CA LYS B 410 6.98 -0.40 14.60
C LYS B 410 6.91 -0.25 13.09
N THR B 411 5.77 -0.62 12.51
CA THR B 411 5.71 -0.68 11.05
C THR B 411 4.34 -0.32 10.51
N GLY B 412 3.52 0.41 11.26
CA GLY B 412 2.42 1.15 10.68
C GLY B 412 1.09 0.74 11.25
N SER B 413 0.04 1.35 10.71
CA SER B 413 -1.31 0.98 11.08
C SER B 413 -1.70 -0.27 10.30
N LEU B 414 -2.97 -0.65 10.34
CA LEU B 414 -3.46 -1.86 9.67
C LEU B 414 -4.12 -1.58 8.32
N SER B 415 -3.62 -0.62 7.55
CA SER B 415 -4.02 -0.49 6.14
C SER B 415 -2.80 -0.05 5.35
N ARG B 416 -2.92 -0.14 4.01
CA ARG B 416 -1.85 0.06 3.04
C ARG B 416 -0.89 -1.13 3.00
N THR B 417 -0.63 -1.66 1.81
CA THR B 417 0.31 -2.77 1.70
C THR B 417 1.71 -2.41 2.18
N ASP B 418 2.12 -1.13 2.11
CA ASP B 418 3.46 -0.75 2.58
C ASP B 418 3.67 -1.05 4.05
N ARG B 419 2.60 -1.14 4.84
CA ARG B 419 2.65 -1.64 6.21
C ARG B 419 2.19 -3.09 6.32
N ILE B 420 1.09 -3.43 5.64
CA ILE B 420 0.43 -4.72 5.82
C ILE B 420 1.39 -5.86 5.48
N ALA B 421 2.19 -5.70 4.42
CA ALA B 421 3.14 -6.73 4.02
C ALA B 421 4.04 -7.16 5.18
N LYS B 422 4.44 -6.22 6.04
CA LYS B 422 5.29 -6.62 7.15
C LYS B 422 4.52 -7.53 8.12
N TYR B 423 3.25 -7.21 8.39
CA TYR B 423 2.49 -8.08 9.29
C TYR B 423 2.26 -9.43 8.64
N ASN B 424 1.98 -9.46 7.33
CA ASN B 424 1.86 -10.72 6.61
C ASN B 424 3.15 -11.53 6.71
N ARG B 425 4.30 -10.87 6.57
CA ARG B 425 5.56 -11.59 6.69
C ARG B 425 5.73 -12.17 8.08
N LEU B 426 5.30 -11.45 9.11
CA LEU B 426 5.35 -12.03 10.45
C LEU B 426 4.43 -13.25 10.56
N LEU B 427 3.27 -13.21 9.89
CA LEU B 427 2.38 -14.38 9.88
C LEU B 427 3.03 -15.57 9.18
N VAL B 428 3.71 -15.33 8.05
CA VAL B 428 4.43 -16.42 7.38
C VAL B 428 5.59 -16.94 8.24
N ILE B 429 6.30 -16.05 8.93
CA ILE B 429 7.36 -16.49 9.85
C ILE B 429 6.77 -17.28 11.00
N GLU B 430 5.66 -16.80 11.57
CA GLU B 430 5.01 -17.54 12.64
C GLU B 430 4.61 -18.93 12.19
N GLU B 431 4.08 -19.05 10.97
CA GLU B 431 3.74 -20.35 10.41
C GLU B 431 4.98 -21.23 10.28
N TYR B 432 6.09 -20.67 9.81
CA TYR B 432 7.32 -21.46 9.66
C TYR B 432 7.80 -21.96 11.02
N LEU B 433 7.78 -21.11 12.04
CA LEU B 433 8.23 -21.51 13.37
C LEU B 433 7.28 -22.51 14.02
N ASN B 434 5.99 -22.47 13.70
CA ASN B 434 5.04 -23.41 14.29
C ASN B 434 5.32 -24.85 13.85
N SER B 435 5.64 -25.07 12.57
CA SER B 435 5.95 -26.44 12.17
C SER B 435 7.39 -26.84 12.51
N TYR B 436 8.39 -26.08 12.08
CA TYR B 436 9.79 -26.53 12.12
C TYR B 436 10.56 -26.04 13.34
N ALA B 437 9.89 -25.41 14.30
CA ALA B 437 10.56 -24.91 15.50
C ALA B 437 9.54 -24.64 16.60
N LYS B 438 9.59 -23.44 17.16
CA LYS B 438 8.60 -22.98 18.13
C LYS B 438 8.38 -21.48 17.92
N ALA B 439 7.13 -21.03 17.93
CA ALA B 439 6.85 -19.61 17.83
C ALA B 439 6.46 -19.08 19.20
N ASP B 440 7.15 -18.03 19.64
CA ASP B 440 6.91 -17.44 20.95
C ASP B 440 6.39 -16.01 20.82
N TYR B 441 5.30 -15.74 21.51
CA TYR B 441 4.77 -14.39 21.70
C TYR B 441 4.59 -14.23 23.20
N ILE B 442 5.28 -13.25 23.79
CA ILE B 442 5.36 -13.14 25.24
C ILE B 442 4.77 -11.84 25.76
N GLY B 443 4.12 -11.06 24.89
CA GLY B 443 3.48 -9.82 25.27
C GLY B 443 4.34 -8.91 26.13
N ARG B 444 3.84 -8.67 27.35
CA ARG B 444 4.39 -7.69 28.28
C ARG B 444 5.84 -8.00 28.65
N GLU B 445 6.25 -9.28 28.53
CA GLU B 445 7.60 -9.68 28.90
C GLU B 445 8.67 -9.20 27.90
N VAL B 446 8.30 -8.64 26.74
CA VAL B 446 9.35 -8.13 25.88
C VAL B 446 10.08 -6.95 26.52
N PHE B 447 9.44 -6.26 27.48
CA PHE B 447 10.03 -5.07 28.10
C PHE B 447 11.04 -5.45 29.19
N TYR B 448 12.08 -6.19 28.78
CA TYR B 448 13.16 -6.51 29.73
C TYR B 448 13.94 -5.28 30.18
N ASN B 449 13.76 -4.13 29.53
CA ASN B 449 14.43 -2.89 29.90
C ASN B 449 13.75 -2.19 31.07
N LEU B 450 12.54 -2.60 31.44
CA LEU B 450 11.81 -1.95 32.52
C LEU B 450 12.06 -2.73 33.80
N LYS B 451 12.64 -2.05 34.79
CA LYS B 451 12.99 -2.72 36.04
C LYS B 451 11.77 -3.32 36.72
N LYS B 452 10.68 -2.55 36.80
CA LYS B 452 9.41 -3.06 37.27
C LYS B 452 8.31 -2.64 36.31
N LEU B 453 7.45 -3.58 35.95
CA LEU B 453 6.23 -3.28 35.22
C LEU B 453 5.05 -3.49 36.17
N GLU B 454 4.33 -2.41 36.47
CA GLU B 454 3.24 -2.43 37.43
C GLU B 454 1.89 -2.52 36.73
N HIS B 455 0.85 -2.76 37.53
CA HIS B 455 -0.52 -2.72 37.04
C HIS B 455 -0.93 -1.27 36.80
N HIS B 456 -1.54 -1.03 35.64
CA HIS B 456 -1.97 0.33 35.33
C HIS B 456 -3.13 0.79 36.22
N HIS B 457 -4.01 -0.13 36.62
CA HIS B 457 -5.13 0.21 37.51
C HIS B 457 -4.66 0.37 38.96
#